data_3D2R
#
_entry.id   3D2R
#
_cell.length_a   70.595
_cell.length_b   69.374
_cell.length_c   82.328
_cell.angle_alpha   90.00
_cell.angle_beta   99.26
_cell.angle_gamma   90.00
#
_symmetry.space_group_name_H-M   'P 1 21 1'
#
loop_
_entity.id
_entity.type
_entity.pdbx_description
1 polymer '[Pyruvate dehydrogenase [lipoamide]] kinase isozyme 4'
2 non-polymer 'MAGNESIUM ION'
3 non-polymer "ADENOSINE-5'-DIPHOSPHATE"
4 non-polymer GLYCEROL
5 water water
#
_entity_poly.entity_id   1
_entity_poly.type   'polypeptide(L)'
_entity_poly.pdbx_seq_one_letter_code
;ASVPREVEHFSRYSPSPLSMKQLLDFGSENACERTSFAFLRQELPVRLANILKEIDILPTQLVNTSSVQLVKSWYIQSLM
DLVEFHEKSPDDQKALSDFVDTLIKVRNRHHNVVPTMAQGIIEYKDACTVDPVTNQNLQYFLDRFYMNRISTRMLMNQHI
LIFSDSQTGNPSHIGSIDPNCDVVAVVQDAFECSRMLCDQYYLSSPELKLTQVNGKFPDQPIHIVYVPSHLHHMLFELFK
NAMRATVEHQENQPSLTPIEVIVVLGKEDLTIKISDRGGGVPLRIIDRLFSYTYSTAPTPVMDNSRNAPLAGFGYGLPIS
RLYAKYFQGDLNLYSLSGYGTDAIIYLKALSSESIEKLPVFNKSAFKHYQMSSEADDWCIPSREPKNLAKEVAM
;
_entity_poly.pdbx_strand_id   A,B
#
loop_
_chem_comp.id
_chem_comp.type
_chem_comp.name
_chem_comp.formula
ADP non-polymer ADENOSINE-5'-DIPHOSPHATE 'C10 H15 N5 O10 P2'
GOL non-polymer GLYCEROL 'C3 H8 O3'
MG non-polymer 'MAGNESIUM ION' 'Mg 2'
#
# COMPACT_ATOMS: atom_id res chain seq x y z
N PRO A 4 20.03 6.14 33.79
CA PRO A 4 20.39 7.41 34.44
C PRO A 4 19.16 8.29 34.61
N ARG A 5 19.20 9.16 35.61
CA ARG A 5 17.97 9.74 36.11
C ARG A 5 17.31 10.70 35.15
N GLU A 6 18.12 11.55 34.54
CA GLU A 6 17.71 12.52 33.53
C GLU A 6 16.98 11.87 32.40
N VAL A 7 17.40 10.65 32.10
CA VAL A 7 16.80 9.90 31.03
C VAL A 7 15.40 9.46 31.41
N GLU A 8 15.22 9.03 32.66
CA GLU A 8 13.89 8.63 33.05
C GLU A 8 12.95 9.83 33.04
N HIS A 9 13.36 10.89 33.72
CA HIS A 9 12.60 12.13 33.77
C HIS A 9 12.16 12.62 32.40
N PHE A 10 13.13 12.86 31.52
CA PHE A 10 12.82 13.43 30.21
C PHE A 10 12.04 12.50 29.30
N SER A 11 12.19 11.19 29.52
CA SER A 11 11.40 10.22 28.75
C SER A 11 9.91 10.38 29.14
N ARG A 12 9.64 11.09 30.22
CA ARG A 12 8.23 11.27 30.63
C ARG A 12 7.46 12.24 29.70
N TYR A 13 8.19 13.12 28.98
CA TYR A 13 7.56 14.09 28.08
C TYR A 13 7.35 13.42 26.71
N SER A 14 6.36 13.87 25.96
CA SER A 14 6.24 13.45 24.59
C SER A 14 6.83 14.56 23.74
N PRO A 15 7.54 14.17 22.68
CA PRO A 15 8.12 15.11 21.73
C PRO A 15 7.08 16.13 21.29
N SER A 16 7.51 17.34 20.92
CA SER A 16 6.62 18.39 20.39
C SER A 16 6.96 18.60 18.91
N PRO A 17 6.11 18.11 18.01
CA PRO A 17 6.40 18.25 16.57
C PRO A 17 6.26 19.70 16.07
N LEU A 18 7.08 20.05 15.09
CA LEU A 18 7.08 21.36 14.50
C LEU A 18 6.69 21.26 13.03
N SER A 19 6.02 22.27 12.53
CA SER A 19 5.77 22.36 11.15
C SER A 19 6.87 23.20 10.52
N MET A 20 6.98 23.08 9.21
CA MET A 20 7.99 23.76 8.48
C MET A 20 7.66 25.29 8.54
N LYS A 21 6.37 25.62 8.62
CA LYS A 21 5.91 27.01 8.81
C LYS A 21 6.42 27.62 10.12
N GLN A 22 6.37 26.84 11.21
CA GLN A 22 6.84 27.33 12.50
C GLN A 22 8.33 27.54 12.50
N LEU A 23 9.05 26.65 11.81
CA LEU A 23 10.51 26.73 11.74
C LEU A 23 10.91 27.96 10.92
N LEU A 24 10.17 28.24 9.84
CA LEU A 24 10.39 29.50 9.10
C LEU A 24 10.10 30.71 10.00
N ASP A 25 8.86 30.80 10.47
CA ASP A 25 8.44 31.88 11.34
C ASP A 25 9.50 32.10 12.44
N PHE A 26 9.93 31.02 13.10
CA PHE A 26 10.92 31.17 14.18
C PHE A 26 12.40 31.06 13.74
N GLY A 27 12.66 31.23 12.44
CA GLY A 27 14.02 31.22 11.96
C GLY A 27 14.31 32.50 11.21
N SER A 28 13.30 33.36 11.13
CA SER A 28 13.35 34.58 10.35
C SER A 28 14.09 35.74 10.96
N GLU A 29 13.79 36.09 12.21
CA GLU A 29 14.25 37.38 12.71
C GLU A 29 15.71 37.36 13.16
N ASN A 30 16.01 36.51 14.15
CA ASN A 30 17.38 36.44 14.70
C ASN A 30 17.54 37.18 16.04
N CYS A 32 15.08 35.55 17.54
CA CYS A 32 14.62 34.22 17.86
C CYS A 32 15.68 33.36 18.62
N GLU A 33 16.95 33.78 18.73
CA GLU A 33 17.95 32.90 19.37
C GLU A 33 17.60 32.47 20.80
N ARG A 34 17.18 33.41 21.64
CA ARG A 34 16.81 33.11 23.04
C ARG A 34 15.70 32.06 23.12
N THR A 35 14.68 32.25 22.28
CA THR A 35 13.54 31.34 22.19
C THR A 35 13.91 29.97 21.69
N SER A 36 14.71 29.93 20.63
CA SER A 36 15.15 28.64 20.09
C SER A 36 16.06 27.87 21.08
N PHE A 37 17.00 28.55 21.71
CA PHE A 37 17.74 28.00 22.86
C PHE A 37 16.80 27.40 23.97
N ALA A 38 15.91 28.20 24.54
CA ALA A 38 14.99 27.70 25.59
C ALA A 38 14.27 26.41 25.12
N PHE A 39 13.78 26.45 23.88
CA PHE A 39 13.00 25.34 23.32
C PHE A 39 13.88 24.10 23.15
N LEU A 40 15.03 24.27 22.52
CA LEU A 40 15.87 23.11 22.22
C LEU A 40 16.54 22.45 23.39
N ARG A 41 16.85 23.23 24.43
CA ARG A 41 17.46 22.66 25.64
C ARG A 41 16.51 21.70 26.38
N GLN A 42 15.21 21.91 26.24
CA GLN A 42 14.17 21.01 26.72
C GLN A 42 13.84 19.94 25.66
N GLU A 43 13.50 20.36 24.44
CA GLU A 43 13.03 19.43 23.40
C GLU A 43 14.05 18.35 22.98
N LEU A 44 15.31 18.72 22.88
CA LEU A 44 16.35 17.74 22.51
C LEU A 44 16.52 16.60 23.53
N PRO A 45 16.68 16.91 24.81
CA PRO A 45 16.65 15.87 25.84
C PRO A 45 15.36 14.99 25.84
N VAL A 46 14.20 15.60 25.62
CA VAL A 46 12.96 14.82 25.53
C VAL A 46 13.05 13.75 24.39
N ARG A 47 13.46 14.17 23.20
CA ARG A 47 13.53 13.27 22.08
C ARG A 47 14.65 12.23 22.29
N LEU A 48 15.76 12.62 22.86
CA LEU A 48 16.83 11.62 23.16
C LEU A 48 16.39 10.60 24.19
N ALA A 49 15.75 11.09 25.24
CA ALA A 49 15.33 10.21 26.32
C ALA A 49 14.26 9.21 25.84
N ASN A 50 13.34 9.70 25.01
CA ASN A 50 12.30 8.87 24.40
C ASN A 50 12.87 7.67 23.62
N ILE A 51 13.84 7.91 22.76
CA ILE A 51 14.36 6.81 21.96
C ILE A 51 15.29 5.94 22.86
N LEU A 52 15.97 6.55 23.83
CA LEU A 52 16.74 5.76 24.81
C LEU A 52 15.87 4.77 25.58
N LYS A 53 14.65 5.14 26.00
CA LYS A 53 13.78 4.23 26.72
C LYS A 53 13.39 3.10 25.75
N GLU A 54 13.25 3.44 24.48
CA GLU A 54 12.88 2.43 23.53
C GLU A 54 14.00 1.41 23.26
N ILE A 55 15.23 1.89 23.06
CA ILE A 55 16.41 1.01 22.96
C ILE A 55 16.39 -0.05 24.08
N ASP A 56 15.91 0.34 25.26
CA ASP A 56 15.97 -0.58 26.39
C ASP A 56 14.98 -1.76 26.35
N ILE A 57 13.98 -1.70 25.47
CA ILE A 57 13.00 -2.77 25.27
C ILE A 57 13.51 -3.80 24.26
N LEU A 58 14.60 -3.49 23.54
CA LEU A 58 15.15 -4.40 22.52
C LEU A 58 15.74 -5.71 23.10
N PRO A 59 15.90 -6.75 22.25
CA PRO A 59 16.53 -7.98 22.74
C PRO A 59 17.82 -7.65 23.46
N THR A 60 18.04 -8.35 24.56
CA THR A 60 19.20 -8.14 25.41
C THR A 60 20.50 -8.33 24.67
N GLN A 61 20.51 -9.28 23.75
CA GLN A 61 21.70 -9.52 22.96
C GLN A 61 21.97 -8.46 21.88
N LEU A 62 20.96 -7.63 21.51
CA LEU A 62 21.18 -6.53 20.60
C LEU A 62 21.68 -5.33 21.39
N VAL A 63 21.00 -5.03 22.50
CA VAL A 63 21.37 -3.93 23.38
C VAL A 63 22.80 -4.06 23.84
N ASN A 64 23.24 -5.29 24.12
CA ASN A 64 24.60 -5.52 24.55
C ASN A 64 25.65 -5.49 23.45
N THR A 65 25.27 -5.44 22.18
CA THR A 65 26.33 -5.42 21.17
C THR A 65 27.16 -4.15 21.43
N SER A 66 28.42 -4.16 21.01
CA SER A 66 29.26 -3.01 21.32
C SER A 66 28.74 -1.76 20.60
N SER A 67 28.18 -1.97 19.42
CA SER A 67 27.63 -0.89 18.60
C SER A 67 26.44 -0.17 19.23
N VAL A 68 25.48 -0.93 19.76
CA VAL A 68 24.32 -0.32 20.38
C VAL A 68 24.77 0.35 21.72
N GLN A 69 25.65 -0.32 22.47
CA GLN A 69 26.23 0.26 23.66
C GLN A 69 26.94 1.62 23.32
N LEU A 70 27.68 1.68 22.21
CA LEU A 70 28.17 2.96 21.69
C LEU A 70 27.07 4.01 21.48
N VAL A 71 26.03 3.68 20.73
CA VAL A 71 24.94 4.60 20.44
C VAL A 71 24.31 5.08 21.72
N LYS A 72 24.08 4.17 22.63
CA LYS A 72 23.42 4.51 23.87
C LYS A 72 24.30 5.49 24.71
N SER A 73 25.61 5.23 24.78
CA SER A 73 26.50 6.12 25.51
C SER A 73 26.57 7.51 24.86
N TRP A 74 26.56 7.57 23.52
CA TRP A 74 26.55 8.87 22.82
C TRP A 74 25.30 9.69 23.13
N TYR A 75 24.12 9.09 22.90
CA TYR A 75 22.85 9.70 23.20
C TYR A 75 22.73 10.17 24.65
N ILE A 76 23.25 9.36 25.59
CA ILE A 76 23.18 9.73 26.99
C ILE A 76 24.11 10.91 27.32
N GLN A 77 25.33 10.88 26.78
CA GLN A 77 26.23 12.00 26.95
C GLN A 77 25.65 13.30 26.36
N SER A 78 25.02 13.21 25.20
CA SER A 78 24.47 14.40 24.53
C SER A 78 23.33 14.93 25.39
N LEU A 79 22.53 14.03 25.93
CA LEU A 79 21.39 14.49 26.74
C LEU A 79 21.94 15.24 27.96
N MET A 80 22.99 14.71 28.55
CA MET A 80 23.65 15.33 29.72
C MET A 80 24.27 16.70 29.39
N ASP A 81 25.10 16.79 28.34
CA ASP A 81 25.59 18.09 27.82
C ASP A 81 24.45 19.10 27.71
N LEU A 82 23.30 18.64 27.28
CA LEU A 82 22.24 19.58 26.93
C LEU A 82 21.50 20.02 28.16
N VAL A 83 21.42 19.10 29.13
CA VAL A 83 20.65 19.34 30.33
C VAL A 83 21.41 20.38 31.20
N GLU A 84 22.73 20.42 31.08
CA GLU A 84 23.52 21.39 31.82
C GLU A 84 23.04 22.82 31.57
N PHE A 85 22.55 23.07 30.36
CA PHE A 85 22.06 24.39 29.98
C PHE A 85 20.75 24.84 30.63
N HIS A 86 20.08 23.94 31.34
CA HIS A 86 18.91 24.31 32.12
C HIS A 86 19.26 25.20 33.32
N GLU A 87 20.52 25.22 33.73
CA GLU A 87 20.90 26.16 34.80
C GLU A 87 21.33 27.55 34.29
N LYS A 88 21.31 27.76 32.98
CA LYS A 88 21.75 29.04 32.42
C LYS A 88 20.57 29.91 32.02
N SER A 89 20.67 31.25 32.16
CA SER A 89 19.64 32.16 31.63
C SER A 89 19.72 32.23 30.10
N PRO A 90 18.56 32.29 29.41
CA PRO A 90 18.58 32.50 27.95
C PRO A 90 19.11 33.88 27.53
N ASP A 91 19.34 34.77 28.52
CA ASP A 91 19.90 36.09 28.28
C ASP A 91 21.41 36.15 28.50
N ASP A 92 22.01 35.03 28.89
CA ASP A 92 23.46 34.92 29.13
C ASP A 92 24.11 34.62 27.76
N GLN A 93 24.94 35.53 27.27
CA GLN A 93 25.43 35.46 25.90
C GLN A 93 26.50 34.45 25.74
N LYS A 94 27.28 34.25 26.79
CA LYS A 94 28.18 33.12 26.86
C LYS A 94 27.37 31.83 26.73
N ALA A 95 26.25 31.72 27.42
CA ALA A 95 25.45 30.53 27.38
C ALA A 95 24.98 30.28 25.96
N LEU A 96 24.46 31.31 25.30
CA LEU A 96 23.92 31.17 23.97
C LEU A 96 25.00 30.70 23.02
N SER A 97 26.19 31.27 23.17
CA SER A 97 27.33 30.93 22.36
C SER A 97 27.83 29.50 22.68
N ASP A 98 27.96 29.18 23.95
CA ASP A 98 28.27 27.80 24.39
C ASP A 98 27.25 26.77 23.90
N PHE A 99 25.99 27.18 23.76
CA PHE A 99 24.94 26.25 23.30
C PHE A 99 25.12 25.89 21.86
N VAL A 100 25.40 26.89 21.01
CA VAL A 100 25.82 26.63 19.63
C VAL A 100 27.03 25.65 19.50
N ASP A 101 28.11 25.91 20.25
CA ASP A 101 29.26 25.01 20.32
C ASP A 101 28.89 23.59 20.78
N THR A 102 27.99 23.49 21.74
CA THR A 102 27.50 22.23 22.26
C THR A 102 26.70 21.44 21.22
N LEU A 103 25.82 22.12 20.49
CA LEU A 103 25.10 21.48 19.42
C LEU A 103 26.05 20.96 18.31
N ILE A 104 27.08 21.73 17.99
CA ILE A 104 28.03 21.34 16.96
C ILE A 104 28.73 20.07 17.44
N LYS A 105 29.03 20.01 18.73
CA LYS A 105 29.66 18.86 19.33
C LYS A 105 28.77 17.59 19.37
N VAL A 106 27.48 17.75 19.70
CA VAL A 106 26.51 16.70 19.65
C VAL A 106 26.38 16.22 18.20
N ARG A 107 26.23 17.14 17.23
CA ARG A 107 26.14 16.72 15.85
C ARG A 107 27.38 15.86 15.43
N ASN A 108 28.57 16.30 15.82
CA ASN A 108 29.78 15.55 15.49
C ASN A 108 29.75 14.18 16.15
N ARG A 109 29.35 14.15 17.43
CA ARG A 109 29.29 12.93 18.23
C ARG A 109 28.35 11.92 17.55
N HIS A 110 27.23 12.40 16.97
CA HIS A 110 26.23 11.53 16.39
C HIS A 110 26.47 11.22 14.94
N HIS A 111 27.52 11.81 14.38
CA HIS A 111 27.82 11.69 12.97
C HIS A 111 27.82 10.23 12.52
N ASN A 112 28.33 9.31 13.34
CA ASN A 112 28.34 7.91 12.89
C ASN A 112 27.19 7.03 13.41
N VAL A 113 26.12 7.64 13.88
CA VAL A 113 25.05 6.85 14.43
C VAL A 113 24.46 5.80 13.47
N VAL A 114 24.19 6.19 12.23
CA VAL A 114 23.48 5.24 11.37
C VAL A 114 24.31 3.99 11.04
N PRO A 115 25.57 4.19 10.58
CA PRO A 115 26.44 2.99 10.35
C PRO A 115 26.61 2.15 11.63
N THR A 116 26.70 2.82 12.79
CA THR A 116 26.96 2.13 14.07
C THR A 116 25.72 1.31 14.49
N MET A 117 24.54 1.90 14.34
CA MET A 117 23.30 1.17 14.59
C MET A 117 23.18 -0.02 13.62
N ALA A 118 23.37 0.25 12.33
CA ALA A 118 23.41 -0.78 11.30
C ALA A 118 24.42 -1.85 11.69
N GLN A 119 25.60 -1.46 12.17
CA GLN A 119 26.55 -2.49 12.67
C GLN A 119 26.02 -3.30 13.87
N GLY A 120 25.44 -2.65 14.85
CA GLY A 120 24.73 -3.35 15.94
C GLY A 120 23.71 -4.41 15.46
N ILE A 121 22.89 -4.06 14.48
CA ILE A 121 21.96 -5.03 13.89
C ILE A 121 22.74 -6.24 13.31
N ILE A 122 23.87 -6.02 12.64
CA ILE A 122 24.74 -7.17 12.26
C ILE A 122 25.33 -8.00 13.40
N GLU A 123 25.89 -7.38 14.43
CA GLU A 123 26.51 -8.19 15.49
C GLU A 123 25.43 -9.07 16.09
N TYR A 124 24.24 -8.49 16.25
CA TYR A 124 23.07 -9.19 16.76
C TYR A 124 22.65 -10.39 15.89
N LYS A 125 22.50 -10.16 14.60
CA LYS A 125 22.04 -11.20 13.67
C LYS A 125 23.09 -12.29 13.40
N ASP A 126 24.37 -11.94 13.50
CA ASP A 126 25.40 -12.94 13.41
C ASP A 126 25.48 -13.66 14.76
N ALA A 127 25.23 -12.93 15.85
CA ALA A 127 25.26 -13.56 17.19
C ALA A 127 24.04 -14.45 17.49
N CYS A 128 22.87 -14.07 16.99
CA CYS A 128 21.64 -14.82 17.21
C CYS A 128 21.02 -15.30 15.89
N ASP A 131 14.53 -14.88 13.82
CA ASP A 131 13.12 -15.21 13.62
C ASP A 131 12.26 -13.97 13.33
N PRO A 132 11.27 -14.12 12.44
CA PRO A 132 10.71 -13.03 11.67
C PRO A 132 9.84 -12.11 12.47
N VAL A 133 9.36 -12.56 13.63
CA VAL A 133 8.49 -11.68 14.40
C VAL A 133 9.39 -10.62 15.01
N THR A 134 10.46 -11.06 15.66
CA THR A 134 11.51 -10.14 16.10
C THR A 134 12.00 -9.32 14.89
N ASN A 135 12.18 -9.94 13.76
CA ASN A 135 12.66 -9.21 12.61
C ASN A 135 11.76 -8.09 12.23
N GLN A 136 10.46 -8.32 12.32
CA GLN A 136 9.50 -7.27 12.06
C GLN A 136 9.61 -6.17 13.10
N ASN A 137 9.84 -6.58 14.34
CA ASN A 137 10.06 -5.65 15.45
C ASN A 137 11.29 -4.82 15.25
N LEU A 138 12.32 -5.40 14.66
CA LEU A 138 13.56 -4.67 14.40
C LEU A 138 13.33 -3.62 13.31
N GLN A 139 12.53 -3.97 12.30
CA GLN A 139 12.18 -2.98 11.24
C GLN A 139 11.42 -1.81 11.87
N TYR A 140 10.43 -2.10 12.73
CA TYR A 140 9.61 -1.07 13.36
C TYR A 140 10.56 -0.20 14.22
N PHE A 141 11.48 -0.85 14.95
CA PHE A 141 12.41 -0.09 15.76
C PHE A 141 13.36 0.81 14.92
N LEU A 142 13.88 0.27 13.81
CA LEU A 142 14.83 1.02 13.04
C LEU A 142 14.11 2.21 12.40
N ASP A 143 12.87 2.02 11.88
CA ASP A 143 12.07 3.16 11.36
C ASP A 143 11.95 4.31 12.40
N ARG A 144 11.66 3.96 13.65
CA ARG A 144 11.50 4.95 14.69
C ARG A 144 12.86 5.53 15.13
N PHE A 145 13.88 4.69 15.23
CA PHE A 145 15.16 5.19 15.69
C PHE A 145 15.73 6.20 14.67
N TYR A 146 15.65 5.85 13.40
CA TYR A 146 16.22 6.69 12.37
C TYR A 146 15.36 7.95 12.15
N MET A 147 14.03 7.82 12.25
CA MET A 147 13.15 9.01 12.12
C MET A 147 13.51 9.96 13.28
N ASN A 148 13.72 9.42 14.47
CA ASN A 148 14.06 10.24 15.65
C ASN A 148 15.41 11.03 15.42
N ARG A 149 16.43 10.37 14.88
CA ARG A 149 17.64 11.02 14.48
C ARG A 149 17.45 12.06 13.35
N ILE A 150 16.67 11.70 12.35
CA ILE A 150 16.40 12.69 11.33
C ILE A 150 15.84 14.02 11.98
N SER A 151 14.90 13.86 12.92
CA SER A 151 14.21 14.94 13.63
C SER A 151 15.20 15.75 14.51
N THR A 152 16.06 15.08 15.28
CA THR A 152 16.98 15.84 16.11
C THR A 152 18.07 16.51 15.27
N ARG A 153 18.51 15.82 14.24
CA ARG A 153 19.49 16.43 13.38
C ARG A 153 18.87 17.68 12.72
N MET A 154 17.60 17.62 12.31
CA MET A 154 16.89 18.75 11.64
C MET A 154 16.86 19.97 12.61
N LEU A 155 16.38 19.76 13.82
CA LEU A 155 16.35 20.86 14.80
C LEU A 155 17.72 21.46 15.15
N MET A 156 18.68 20.60 15.47
CA MET A 156 20.02 21.08 15.86
C MET A 156 20.64 21.87 14.78
N ASN A 157 20.56 21.35 13.55
CA ASN A 157 21.06 22.04 12.36
C ASN A 157 20.41 23.40 12.04
N GLN A 158 19.11 23.55 12.26
CA GLN A 158 18.48 24.87 12.02
C GLN A 158 19.12 25.89 12.99
N HIS A 159 19.26 25.51 14.25
CA HIS A 159 19.79 26.43 15.23
C HIS A 159 21.24 26.78 14.94
N ILE A 160 22.05 25.74 14.68
CA ILE A 160 23.41 25.97 14.21
C ILE A 160 23.54 26.89 12.99
N LEU A 161 22.85 26.58 11.90
CA LEU A 161 23.00 27.37 10.70
C LEU A 161 22.47 28.78 10.79
N ILE A 162 21.39 28.98 11.52
CA ILE A 162 20.86 30.32 11.70
C ILE A 162 21.64 31.13 12.74
N PHE A 163 21.94 30.53 13.89
CA PHE A 163 22.51 31.33 14.98
C PHE A 163 24.04 31.27 15.17
N SER A 164 24.74 30.40 14.45
CA SER A 164 26.16 30.35 14.72
C SER A 164 27.01 31.30 13.87
N ASP A 165 28.34 31.25 14.11
CA ASP A 165 29.34 32.00 13.37
C ASP A 165 30.48 31.10 12.84
N SER A 172 19.44 33.20 2.30
CA SER A 172 18.50 32.66 1.28
C SER A 172 17.65 31.45 1.78
N HIS A 173 18.35 30.42 2.27
CA HIS A 173 17.72 29.40 3.08
C HIS A 173 17.40 30.02 4.46
N ILE A 174 16.50 29.38 5.18
CA ILE A 174 16.38 29.65 6.60
C ILE A 174 16.89 28.37 7.21
N GLY A 175 18.16 28.36 7.62
CA GLY A 175 18.84 27.15 8.06
C GLY A 175 18.86 26.24 6.85
N SER A 176 18.38 25.01 7.01
CA SER A 176 18.38 24.08 5.90
C SER A 176 17.09 24.10 5.09
N ILE A 177 16.16 25.01 5.39
CA ILE A 177 14.89 25.08 4.64
C ILE A 177 14.96 26.10 3.52
N ASP A 178 14.63 25.68 2.29
CA ASP A 178 14.53 26.65 1.19
C ASP A 178 13.05 27.04 1.06
N PRO A 179 12.73 28.32 1.28
CA PRO A 179 11.30 28.69 1.24
C PRO A 179 10.73 28.70 -0.19
N ASN A 180 11.64 28.62 -1.17
CA ASN A 180 11.27 28.56 -2.58
C ASN A 180 12.04 27.41 -3.24
N CYS A 181 11.82 26.18 -2.76
CA CYS A 181 12.62 25.07 -3.27
C CYS A 181 12.23 24.76 -4.74
N ASP A 182 13.23 24.88 -5.63
CA ASP A 182 13.07 24.63 -7.10
C ASP A 182 13.19 23.10 -7.30
N VAL A 183 12.05 22.43 -7.21
CA VAL A 183 11.96 20.96 -7.20
C VAL A 183 12.61 20.35 -8.41
N VAL A 184 12.34 20.94 -9.57
CA VAL A 184 12.87 20.39 -10.80
C VAL A 184 14.39 20.52 -10.82
N ALA A 185 14.92 21.62 -10.29
CA ALA A 185 16.39 21.75 -10.28
C ALA A 185 17.01 20.70 -9.36
N VAL A 186 16.37 20.41 -8.20
CA VAL A 186 16.88 19.39 -7.30
C VAL A 186 16.80 17.98 -7.95
N VAL A 187 15.74 17.75 -8.72
CA VAL A 187 15.67 16.52 -9.52
C VAL A 187 16.87 16.38 -10.45
N GLN A 188 17.12 17.41 -11.25
CA GLN A 188 18.22 17.39 -12.21
C GLN A 188 19.53 17.21 -11.53
N ASP A 189 19.68 17.83 -10.38
CA ASP A 189 20.88 17.74 -9.61
C ASP A 189 21.16 16.32 -9.13
N ALA A 190 20.16 15.72 -8.49
CA ALA A 190 20.29 14.36 -8.00
C ALA A 190 20.48 13.42 -9.16
N PHE A 191 19.81 13.64 -10.27
CA PHE A 191 20.04 12.79 -11.42
C PHE A 191 21.51 12.83 -11.83
N GLU A 192 22.06 14.04 -11.97
CA GLU A 192 23.43 14.11 -12.39
C GLU A 192 24.37 13.38 -11.44
N CYS A 193 24.14 13.47 -10.12
CA CYS A 193 25.04 12.80 -9.14
C CYS A 193 24.98 11.27 -9.39
N SER A 194 23.77 10.79 -9.60
CA SER A 194 23.57 9.38 -9.88
C SER A 194 24.22 8.95 -11.19
N ARG A 195 24.03 9.75 -12.24
CA ARG A 195 24.61 9.47 -13.54
C ARG A 195 26.14 9.38 -13.51
N MET A 196 26.79 10.20 -12.70
CA MET A 196 28.22 10.18 -12.67
C MET A 196 28.72 8.89 -12.10
N LEU A 197 28.15 8.49 -10.97
CA LEU A 197 28.41 7.20 -10.32
C LEU A 197 28.10 6.06 -11.28
N CYS A 198 26.93 6.10 -11.91
CA CYS A 198 26.58 5.06 -12.91
C CYS A 198 27.63 4.96 -14.03
N ASP A 199 27.98 6.07 -14.65
CA ASP A 199 29.00 6.06 -15.69
C ASP A 199 30.31 5.43 -15.24
N GLN A 200 30.75 5.78 -14.04
CA GLN A 200 32.07 5.34 -13.57
C GLN A 200 32.05 3.82 -13.39
N TYR A 201 30.96 3.33 -12.82
CA TYR A 201 30.82 1.92 -12.52
C TYR A 201 30.41 1.08 -13.76
N TYR A 202 29.40 1.49 -14.53
CA TYR A 202 28.81 0.68 -15.63
C TYR A 202 29.29 1.02 -17.04
N LEU A 203 30.05 2.11 -17.13
CA LEU A 203 30.55 2.66 -18.38
C LEU A 203 29.45 3.35 -19.24
N SER A 204 28.21 3.32 -18.82
CA SER A 204 27.18 4.05 -19.54
C SER A 204 26.07 4.29 -18.56
N SER A 205 25.11 5.11 -18.96
CA SER A 205 24.01 5.44 -18.07
C SER A 205 22.84 6.02 -18.85
N PRO A 206 21.63 5.84 -18.30
CA PRO A 206 20.43 6.35 -18.96
C PRO A 206 20.33 7.85 -18.86
N GLU A 207 19.63 8.42 -19.84
CA GLU A 207 19.34 9.82 -19.88
C GLU A 207 18.09 10.09 -19.06
N LEU A 208 17.92 11.36 -18.73
CA LEU A 208 16.74 11.80 -17.97
C LEU A 208 15.76 12.41 -18.95
N LYS A 209 14.49 11.98 -18.87
CA LYS A 209 13.43 12.65 -19.61
C LYS A 209 12.44 13.22 -18.60
N LEU A 210 12.40 14.55 -18.50
CA LEU A 210 11.69 15.18 -17.38
C LEU A 210 10.54 16.04 -17.88
N THR A 211 9.38 15.91 -17.21
CA THR A 211 8.15 16.63 -17.58
C THR A 211 7.63 17.27 -16.30
N GLN A 212 6.92 18.38 -16.38
CA GLN A 212 6.41 19.01 -15.16
C GLN A 212 5.01 19.54 -15.39
N VAL A 213 4.18 19.52 -14.35
CA VAL A 213 2.83 20.05 -14.50
C VAL A 213 2.51 20.83 -13.24
N ASN A 214 2.18 22.09 -13.42
CA ASN A 214 1.75 22.87 -12.31
C ASN A 214 0.23 22.97 -12.36
N GLY A 215 -0.40 22.09 -11.59
CA GLY A 215 -1.84 22.04 -11.53
C GLY A 215 -2.32 23.23 -10.69
N LYS A 216 -1.59 23.55 -9.64
CA LYS A 216 -1.94 24.66 -8.76
C LYS A 216 -1.87 26.04 -9.43
N PHE A 217 -0.88 26.24 -10.31
CA PHE A 217 -0.68 27.54 -10.95
C PHE A 217 -0.20 27.31 -12.38
N PRO A 218 -1.13 27.01 -13.30
CA PRO A 218 -0.69 26.56 -14.61
C PRO A 218 0.37 27.49 -15.24
N ASP A 219 1.40 26.94 -15.87
CA ASP A 219 2.41 27.77 -16.57
C ASP A 219 3.50 28.43 -15.67
N GLN A 220 3.36 28.31 -14.36
CA GLN A 220 4.30 28.91 -13.43
C GLN A 220 5.24 27.81 -12.89
N PRO A 221 6.50 28.16 -12.52
CA PRO A 221 7.45 27.13 -12.05
C PRO A 221 6.97 26.55 -10.74
N ILE A 222 7.54 25.41 -10.36
CA ILE A 222 7.10 24.68 -9.19
C ILE A 222 8.09 24.85 -8.07
N HIS A 223 7.63 25.53 -7.04
CA HIS A 223 8.39 25.80 -5.83
C HIS A 223 7.50 25.46 -4.67
N ILE A 224 8.09 24.87 -3.66
CA ILE A 224 7.41 24.71 -2.39
C ILE A 224 8.46 24.96 -1.29
N VAL A 225 7.98 25.08 -0.06
CA VAL A 225 8.87 25.14 1.07
C VAL A 225 9.34 23.70 1.34
N TYR A 226 10.65 23.50 1.32
CA TYR A 226 11.20 22.18 1.56
C TYR A 226 12.67 22.24 1.99
N VAL A 227 13.11 21.13 2.56
CA VAL A 227 14.52 20.89 2.94
C VAL A 227 15.24 20.23 1.75
N PRO A 228 15.93 21.04 0.89
CA PRO A 228 16.48 20.43 -0.33
C PRO A 228 17.42 19.21 -0.10
N SER A 229 18.25 19.22 0.95
CA SER A 229 19.11 18.06 1.22
C SER A 229 18.29 16.76 1.41
N HIS A 230 17.11 16.84 2.01
CA HIS A 230 16.28 15.66 2.18
C HIS A 230 15.75 15.19 0.83
N LEU A 231 15.28 16.14 0.03
CA LEU A 231 14.67 15.85 -1.22
C LEU A 231 15.75 15.25 -2.14
N HIS A 232 16.90 15.89 -2.14
CA HIS A 232 18.08 15.40 -2.88
C HIS A 232 18.40 13.93 -2.49
N HIS A 233 18.49 13.62 -1.20
CA HIS A 233 18.81 12.25 -0.74
C HIS A 233 17.83 11.26 -1.34
N MET A 234 16.53 11.52 -1.19
CA MET A 234 15.50 10.64 -1.74
C MET A 234 15.64 10.39 -3.21
N LEU A 235 15.82 11.46 -3.98
CA LEU A 235 15.88 11.35 -5.42
C LEU A 235 17.12 10.60 -5.87
N PHE A 236 18.25 10.97 -5.26
CA PHE A 236 19.48 10.31 -5.52
C PHE A 236 19.37 8.79 -5.33
N GLU A 237 18.80 8.38 -4.19
CA GLU A 237 18.71 6.95 -3.86
C GLU A 237 17.78 6.26 -4.87
N LEU A 238 16.65 6.88 -5.23
CA LEU A 238 15.73 6.31 -6.21
C LEU A 238 16.33 6.25 -7.64
N PHE A 239 17.08 7.27 -8.03
CA PHE A 239 17.77 7.24 -9.32
C PHE A 239 18.87 6.17 -9.36
N LYS A 240 19.61 6.00 -8.27
CA LYS A 240 20.67 4.98 -8.28
C LYS A 240 19.98 3.65 -8.51
N ASN A 241 18.82 3.48 -7.88
CA ASN A 241 18.06 2.27 -8.04
C ASN A 241 17.54 2.07 -9.47
N ALA A 242 16.94 3.10 -10.05
CA ALA A 242 16.46 3.04 -11.41
C ALA A 242 17.55 2.84 -12.43
N MET A 243 18.71 3.46 -12.22
CA MET A 243 19.82 3.28 -13.12
C MET A 243 20.42 1.90 -13.07
N ARG A 244 20.68 1.38 -11.89
CA ARG A 244 21.21 0.03 -11.83
C ARG A 244 20.24 -0.95 -12.48
N ALA A 245 18.95 -0.80 -12.19
CA ALA A 245 17.97 -1.75 -12.72
C ALA A 245 17.97 -1.69 -14.23
N THR A 246 17.99 -0.47 -14.80
CA THR A 246 18.00 -0.29 -16.22
C THR A 246 19.22 -0.91 -16.87
N VAL A 247 20.41 -0.51 -16.40
CA VAL A 247 21.65 -1.00 -17.01
C VAL A 247 21.71 -2.53 -16.93
N GLU A 248 21.41 -3.09 -15.75
CA GLU A 248 21.60 -4.53 -15.58
C GLU A 248 20.57 -5.32 -16.39
N HIS A 249 19.34 -4.83 -16.50
CA HIS A 249 18.26 -5.50 -17.28
C HIS A 249 18.57 -5.37 -18.79
N GLN A 250 19.22 -4.28 -19.22
CA GLN A 250 19.45 -4.10 -20.65
C GLN A 250 20.93 -4.34 -21.05
N GLU A 251 21.56 -5.22 -20.30
CA GLU A 251 22.98 -5.45 -20.52
C GLU A 251 23.30 -6.01 -21.91
N ASN A 252 22.34 -6.54 -22.62
CA ASN A 252 22.72 -7.00 -23.93
C ASN A 252 22.18 -6.12 -25.04
N GLN A 253 21.95 -4.85 -24.68
CA GLN A 253 21.40 -3.84 -25.57
C GLN A 253 22.47 -2.82 -25.90
N PRO A 254 22.40 -2.26 -27.12
CA PRO A 254 23.32 -1.24 -27.61
C PRO A 254 23.03 0.10 -26.94
N SER A 255 21.81 0.27 -26.45
CA SER A 255 21.54 1.50 -25.76
C SER A 255 20.66 1.27 -24.52
N LEU A 256 20.28 2.35 -23.87
CA LEU A 256 19.60 2.29 -22.60
C LEU A 256 18.37 3.17 -22.71
N THR A 257 17.24 2.68 -22.23
CA THR A 257 16.04 3.48 -22.13
C THR A 257 16.21 4.58 -21.08
N PRO A 258 15.60 5.72 -21.34
CA PRO A 258 15.78 6.81 -20.39
C PRO A 258 15.06 6.50 -19.08
N ILE A 259 15.35 7.27 -18.05
CA ILE A 259 14.52 7.26 -16.85
C ILE A 259 13.55 8.44 -17.03
N GLU A 260 12.25 8.18 -16.93
CA GLU A 260 11.28 9.24 -17.14
C GLU A 260 10.80 9.76 -15.80
N VAL A 261 10.78 11.08 -15.65
CA VAL A 261 10.37 11.67 -14.39
C VAL A 261 9.31 12.73 -14.65
N ILE A 262 8.24 12.70 -13.85
CA ILE A 262 7.29 13.81 -13.88
C ILE A 262 7.10 14.41 -12.52
N VAL A 263 7.12 15.74 -12.50
CA VAL A 263 6.93 16.50 -11.28
C VAL A 263 5.59 17.24 -11.38
N VAL A 264 4.76 17.02 -10.37
CA VAL A 264 3.40 17.57 -10.40
C VAL A 264 3.07 18.32 -9.13
N LEU A 265 2.59 19.58 -9.28
CA LEU A 265 2.15 20.36 -8.13
C LEU A 265 0.64 20.46 -8.16
N GLY A 266 -0.01 19.90 -7.16
CA GLY A 266 -1.47 20.00 -7.10
C GLY A 266 -1.82 20.83 -5.88
N LYS A 267 -3.09 20.86 -5.52
CA LYS A 267 -3.49 21.71 -4.38
C LYS A 267 -2.78 21.43 -3.07
N GLU A 268 -2.84 20.17 -2.64
CA GLU A 268 -2.27 19.74 -1.38
C GLU A 268 -0.90 19.10 -1.51
N ASP A 269 -0.58 18.57 -2.69
CA ASP A 269 0.57 17.66 -2.78
C ASP A 269 1.50 18.11 -3.89
N LEU A 270 2.79 17.84 -3.66
CA LEU A 270 3.78 17.89 -4.72
C LEU A 270 4.09 16.40 -4.93
N THR A 271 4.02 15.94 -6.16
CA THR A 271 4.33 14.50 -6.44
C THR A 271 5.41 14.38 -7.50
N ILE A 272 6.31 13.42 -7.32
CA ILE A 272 7.35 13.21 -8.29
C ILE A 272 7.36 11.70 -8.63
N LYS A 273 7.23 11.35 -9.87
CA LYS A 273 7.17 9.88 -10.20
C LYS A 273 8.37 9.60 -11.08
N ILE A 274 9.16 8.57 -10.75
CA ILE A 274 10.35 8.17 -11.48
C ILE A 274 10.10 6.77 -12.10
N SER A 275 10.17 6.69 -13.43
CA SER A 275 9.76 5.49 -14.16
C SER A 275 10.97 4.95 -14.90
N ASP A 276 11.22 3.65 -14.76
CA ASP A 276 12.32 3.00 -15.48
C ASP A 276 11.79 1.78 -16.20
N ARG A 277 12.57 1.28 -17.16
CA ARG A 277 12.28 -0.01 -17.79
C ARG A 277 13.36 -1.01 -17.45
N GLY A 278 13.55 -1.12 -16.15
CA GLY A 278 14.61 -1.94 -15.61
C GLY A 278 14.17 -3.36 -15.26
N GLY A 279 13.01 -3.76 -15.79
CA GLY A 279 12.57 -5.15 -15.73
C GLY A 279 11.65 -5.44 -14.56
N GLY A 280 11.57 -4.49 -13.61
CA GLY A 280 10.58 -4.53 -12.51
C GLY A 280 10.88 -5.63 -11.47
N VAL A 281 9.91 -5.91 -10.62
CA VAL A 281 10.05 -6.77 -9.43
C VAL A 281 8.80 -7.62 -9.20
N PRO A 282 8.92 -8.89 -8.85
CA PRO A 282 7.66 -9.63 -8.56
C PRO A 282 6.90 -9.00 -7.38
N LEU A 283 5.57 -9.04 -7.40
CA LEU A 283 4.80 -8.33 -6.36
C LEU A 283 5.12 -8.93 -4.97
N ARG A 284 5.36 -10.24 -4.98
CA ARG A 284 5.74 -11.05 -3.84
C ARG A 284 6.83 -10.33 -3.03
N ILE A 285 7.73 -9.69 -3.75
CA ILE A 285 9.01 -9.25 -3.22
C ILE A 285 9.01 -7.76 -2.87
N ILE A 286 7.96 -7.05 -3.29
CA ILE A 286 7.94 -5.56 -3.08
C ILE A 286 8.16 -5.10 -1.63
N ASP A 287 7.41 -5.65 -0.71
CA ASP A 287 7.55 -5.25 0.69
C ASP A 287 8.95 -5.49 1.22
N ARG A 288 9.53 -6.64 0.87
CA ARG A 288 10.86 -6.90 1.40
C ARG A 288 11.89 -5.93 0.79
N LEU A 289 11.57 -5.24 -0.30
CA LEU A 289 12.53 -4.26 -0.80
C LEU A 289 12.80 -3.16 0.22
N PHE A 290 11.79 -2.81 1.01
CA PHE A 290 11.94 -1.77 2.02
C PHE A 290 12.54 -2.26 3.32
N SER A 291 12.86 -3.54 3.44
CA SER A 291 13.62 -4.08 4.59
C SER A 291 15.02 -3.52 4.71
N TYR A 292 15.41 -3.05 5.91
CA TYR A 292 16.82 -2.59 6.09
C TYR A 292 17.83 -3.69 5.75
N THR A 293 18.85 -3.36 4.98
CA THR A 293 19.84 -4.38 4.49
C THR A 293 19.42 -5.27 3.29
N TYR A 294 18.12 -5.40 2.98
CA TYR A 294 17.76 -6.20 1.80
C TYR A 294 18.33 -5.59 0.52
N SER A 295 19.14 -6.37 -0.21
CA SER A 295 19.74 -5.94 -1.49
C SER A 295 20.01 -7.15 -2.38
N THR A 296 19.77 -6.97 -3.68
CA THR A 296 20.15 -8.02 -4.60
C THR A 296 21.53 -7.79 -5.19
N ALA A 297 22.25 -6.81 -4.66
CA ALA A 297 23.62 -6.60 -5.13
C ALA A 297 24.56 -7.16 -4.08
N PRO A 298 25.82 -7.31 -4.42
CA PRO A 298 26.77 -7.90 -3.43
C PRO A 298 27.43 -6.83 -2.58
N THR A 299 28.19 -7.23 -1.56
CA THR A 299 29.08 -6.32 -0.85
C THR A 299 28.80 -6.43 0.65
N ALA A 308 33.34 2.34 -7.12
CA ALA A 308 32.21 2.29 -6.18
C ALA A 308 30.94 1.81 -6.86
N PRO A 309 30.28 0.79 -6.26
CA PRO A 309 28.99 0.36 -6.78
C PRO A 309 27.85 1.35 -6.46
N LEU A 310 26.77 1.25 -7.21
CA LEU A 310 25.59 2.02 -6.87
C LEU A 310 24.81 1.36 -5.71
N ALA A 311 24.87 0.03 -5.60
CA ALA A 311 24.06 -0.69 -4.62
C ALA A 311 24.89 -1.65 -3.75
N GLY A 312 24.26 -2.12 -2.66
CA GLY A 312 24.83 -3.20 -1.84
C GLY A 312 24.45 -3.17 -0.37
N PHE A 313 24.26 -1.98 0.17
CA PHE A 313 23.99 -1.82 1.61
C PHE A 313 22.53 -1.92 2.00
N GLY A 314 21.63 -1.77 1.05
CA GLY A 314 20.23 -2.01 1.40
C GLY A 314 19.52 -0.99 2.29
N TYR A 315 20.02 0.26 2.32
CA TYR A 315 19.33 1.30 3.11
C TYR A 315 18.64 2.35 2.25
N GLY A 316 18.92 2.32 0.96
CA GLY A 316 18.38 3.35 0.07
C GLY A 316 16.89 3.55 0.20
N LEU A 317 16.12 2.47 0.00
CA LEU A 317 14.65 2.58 0.10
C LEU A 317 14.05 2.93 1.48
N PRO A 318 14.40 2.18 2.54
CA PRO A 318 13.76 2.49 3.81
C PRO A 318 14.12 3.89 4.31
N ILE A 319 15.39 4.31 4.17
CA ILE A 319 15.78 5.67 4.60
C ILE A 319 15.08 6.78 3.76
N SER A 320 15.05 6.63 2.44
CA SER A 320 14.40 7.62 1.62
C SER A 320 12.93 7.74 2.02
N ARG A 321 12.31 6.64 2.41
CA ARG A 321 10.90 6.66 2.76
C ARG A 321 10.77 7.38 4.14
N LEU A 322 11.67 7.16 5.10
CA LEU A 322 11.62 7.97 6.30
C LEU A 322 11.70 9.48 6.02
N TYR A 323 12.63 9.91 5.17
CA TYR A 323 12.71 11.35 4.79
C TYR A 323 11.38 11.86 4.21
N ALA A 324 10.77 11.09 3.32
CA ALA A 324 9.48 11.47 2.74
C ALA A 324 8.44 11.59 3.81
N LYS A 325 8.38 10.60 4.71
CA LYS A 325 7.34 10.61 5.73
C LYS A 325 7.53 11.63 6.89
N TYR A 326 8.75 12.07 7.09
CA TYR A 326 9.11 12.90 8.27
C TYR A 326 8.23 14.14 8.31
N PHE A 327 7.95 14.72 7.14
CA PHE A 327 7.06 15.87 7.11
C PHE A 327 5.71 15.50 6.49
N GLN A 328 5.26 14.25 6.74
CA GLN A 328 3.96 13.74 6.32
C GLN A 328 3.81 13.53 4.80
N GLY A 329 4.91 13.37 4.09
CA GLY A 329 4.84 12.89 2.69
C GLY A 329 4.88 11.33 2.76
N ASP A 330 5.26 10.69 1.66
CA ASP A 330 5.31 9.26 1.61
C ASP A 330 6.13 8.94 0.39
N LEU A 331 6.47 7.67 0.30
CA LEU A 331 7.24 7.16 -0.82
C LEU A 331 6.78 5.72 -1.08
N ASN A 332 6.33 5.44 -2.31
CA ASN A 332 5.87 4.06 -2.67
C ASN A 332 6.54 3.58 -3.96
N LEU A 333 6.57 2.28 -4.16
CA LEU A 333 7.09 1.68 -5.39
C LEU A 333 6.00 0.80 -5.97
N TYR A 334 5.73 0.93 -7.25
CA TYR A 334 4.86 -0.01 -7.90
C TYR A 334 5.51 -0.50 -9.20
N SER A 335 5.49 -1.81 -9.36
CA SER A 335 6.34 -2.36 -10.41
C SER A 335 5.51 -3.19 -11.35
N LEU A 336 5.94 -3.28 -12.61
CA LEU A 336 5.31 -4.16 -13.61
C LEU A 336 6.41 -5.17 -13.91
N SER A 337 6.34 -6.29 -13.24
CA SER A 337 7.42 -7.30 -13.31
C SER A 337 7.54 -7.83 -14.73
N GLY A 338 8.75 -7.78 -15.28
CA GLY A 338 8.99 -8.13 -16.66
C GLY A 338 9.19 -6.86 -17.48
N TYR A 339 8.87 -5.69 -16.91
CA TYR A 339 8.93 -4.48 -17.76
C TYR A 339 9.69 -3.38 -17.03
N GLY A 340 9.15 -2.92 -15.90
CA GLY A 340 9.80 -1.75 -15.25
C GLY A 340 9.12 -1.33 -13.97
N THR A 341 9.59 -0.23 -13.37
CA THR A 341 9.09 0.14 -12.04
C THR A 341 8.79 1.62 -11.98
N ASP A 342 7.73 2.01 -11.23
CA ASP A 342 7.48 3.42 -10.91
C ASP A 342 7.81 3.65 -9.42
N ALA A 343 8.63 4.64 -9.11
CA ALA A 343 8.82 5.04 -7.72
C ALA A 343 8.21 6.42 -7.55
N ILE A 344 7.48 6.66 -6.47
CA ILE A 344 6.75 7.91 -6.42
C ILE A 344 6.94 8.59 -5.04
N ILE A 345 7.30 9.85 -5.07
CA ILE A 345 7.47 10.63 -3.84
C ILE A 345 6.31 11.59 -3.72
N TYR A 346 5.76 11.68 -2.51
CA TYR A 346 4.75 12.66 -2.22
C TYR A 346 5.26 13.52 -1.09
N LEU A 347 5.09 14.83 -1.29
CA LEU A 347 5.45 15.83 -0.28
C LEU A 347 4.21 16.70 -0.10
N LYS A 348 3.97 17.18 1.13
CA LYS A 348 2.95 18.20 1.33
C LYS A 348 3.37 19.51 0.63
N ALA A 349 2.45 20.11 -0.11
CA ALA A 349 2.69 21.41 -0.77
C ALA A 349 2.63 22.65 0.14
N LEU A 350 2.09 22.52 1.36
CA LEU A 350 1.87 23.66 2.27
C LEU A 350 2.75 23.53 3.49
N SER A 351 3.48 24.60 3.83
CA SER A 351 4.41 24.61 4.94
C SER A 351 3.68 24.36 6.27
N SER A 352 2.43 24.86 6.40
CA SER A 352 1.63 24.64 7.60
C SER A 352 1.26 23.20 7.78
N GLU A 353 1.24 22.43 6.68
CA GLU A 353 0.84 21.05 6.79
C GLU A 353 2.03 20.08 6.90
N SER A 354 3.24 20.60 6.68
CA SER A 354 4.46 19.79 6.79
C SER A 354 4.93 19.74 8.22
N ILE A 355 4.36 18.82 8.97
CA ILE A 355 4.52 18.77 10.42
C ILE A 355 5.30 17.50 10.71
N GLU A 356 6.26 17.55 11.64
CA GLU A 356 7.15 16.41 11.88
C GLU A 356 6.32 15.22 12.31
N LYS A 357 6.65 14.06 11.78
CA LYS A 357 5.97 12.82 12.18
C LYS A 357 6.92 12.05 13.13
N LEU A 358 6.66 12.03 14.43
CA LEU A 358 7.68 11.65 15.38
C LEU A 358 7.25 10.42 16.18
N PRO A 359 8.21 9.48 16.43
CA PRO A 359 7.94 8.33 17.35
C PRO A 359 7.89 8.82 18.77
N VAL A 360 7.06 8.19 19.60
CA VAL A 360 6.90 8.54 20.99
C VAL A 360 6.92 7.24 21.78
N PHE A 361 7.57 7.24 22.93
CA PHE A 361 7.65 6.01 23.70
C PHE A 361 6.53 6.08 24.73
N ASN A 362 5.46 5.32 24.47
CA ASN A 362 4.31 5.31 25.37
C ASN A 362 3.87 3.87 25.53
N LYS A 363 2.79 3.59 26.22
CA LYS A 363 2.40 2.18 26.38
C LYS A 363 2.03 1.60 25.01
N SER A 364 1.48 2.43 24.14
CA SER A 364 1.07 1.98 22.83
C SER A 364 2.23 1.52 21.90
N ALA A 365 3.39 2.17 22.03
CA ALA A 365 4.61 1.75 21.30
C ALA A 365 5.13 0.41 21.88
N PHE A 366 5.13 0.31 23.21
CA PHE A 366 5.47 -0.92 23.92
C PHE A 366 4.57 -2.09 23.46
N LYS A 367 3.25 -1.89 23.46
CA LYS A 367 2.31 -2.89 22.93
C LYS A 367 2.70 -3.38 21.53
N HIS A 368 3.34 -2.51 20.77
CA HIS A 368 3.67 -2.88 19.42
C HIS A 368 4.85 -3.83 19.35
N TYR A 369 5.73 -3.83 20.35
CA TYR A 369 6.80 -4.81 20.39
C TYR A 369 6.23 -6.11 20.95
N ASP A 376 -5.01 -17.11 12.89
CA ASP A 376 -5.05 -15.88 12.07
C ASP A 376 -6.36 -15.67 11.29
N ASP A 377 -6.75 -14.39 11.10
CA ASP A 377 -8.10 -13.99 10.60
C ASP A 377 -8.47 -14.26 9.08
N TRP A 378 -7.43 -14.40 8.27
CA TRP A 378 -7.55 -14.76 6.85
C TRP A 378 -6.66 -15.98 6.68
N CYS A 379 -7.10 -16.91 5.83
CA CYS A 379 -6.33 -18.11 5.55
C CYS A 379 -5.01 -17.78 4.91
N ILE A 380 -3.97 -18.38 5.51
CA ILE A 380 -2.57 -18.41 5.06
C ILE A 380 -2.46 -18.56 3.56
N VAL B 3 -28.84 -19.25 17.37
CA VAL B 3 -27.92 -19.88 16.35
C VAL B 3 -28.20 -21.40 16.24
N PRO B 4 -28.68 -21.88 15.06
CA PRO B 4 -28.98 -23.34 14.93
C PRO B 4 -27.76 -24.17 15.22
N ARG B 5 -27.93 -25.39 15.70
CA ARG B 5 -26.80 -26.20 16.11
C ARG B 5 -25.79 -26.47 15.01
N GLU B 6 -26.30 -26.64 13.78
CA GLU B 6 -25.48 -26.93 12.59
C GLU B 6 -24.57 -25.74 12.28
N VAL B 7 -25.11 -24.54 12.48
CA VAL B 7 -24.28 -23.34 12.31
C VAL B 7 -23.14 -23.30 13.31
N GLU B 8 -23.45 -23.45 14.59
CA GLU B 8 -22.42 -23.50 15.61
C GLU B 8 -21.38 -24.57 15.32
N HIS B 9 -21.84 -25.78 14.96
CA HIS B 9 -20.92 -26.86 14.63
C HIS B 9 -19.95 -26.56 13.48
N PHE B 10 -20.50 -26.25 12.32
CA PHE B 10 -19.67 -26.03 11.14
C PHE B 10 -18.82 -24.77 11.24
N SER B 11 -19.17 -23.88 12.19
CA SER B 11 -18.38 -22.67 12.29
C SER B 11 -17.05 -22.97 12.98
N ARG B 12 -16.97 -24.11 13.68
CA ARG B 12 -15.68 -24.46 14.29
C ARG B 12 -14.56 -24.88 13.31
N TYR B 13 -14.85 -25.16 12.04
CA TYR B 13 -13.80 -25.53 11.12
C TYR B 13 -13.33 -24.28 10.42
N SER B 14 -12.11 -24.32 9.90
CA SER B 14 -11.69 -23.29 8.97
C SER B 14 -11.93 -23.66 7.53
N PRO B 15 -12.19 -22.64 6.73
CA PRO B 15 -12.36 -22.89 5.32
C PRO B 15 -11.10 -23.55 4.78
N SER B 16 -11.26 -24.33 3.70
CA SER B 16 -10.15 -24.92 2.97
C SER B 16 -10.01 -24.26 1.60
N PRO B 17 -8.96 -23.47 1.42
CA PRO B 17 -8.83 -22.77 0.14
C PRO B 17 -8.30 -23.67 -0.97
N LEU B 18 -8.87 -23.52 -2.17
CA LEU B 18 -8.38 -24.23 -3.35
C LEU B 18 -7.56 -23.32 -4.28
N SER B 19 -6.67 -23.91 -5.07
CA SER B 19 -6.07 -23.14 -6.15
C SER B 19 -6.88 -23.28 -7.46
N MET B 20 -6.61 -22.35 -8.40
CA MET B 20 -7.22 -22.49 -9.71
C MET B 20 -6.72 -23.80 -10.39
N LYS B 21 -5.49 -24.21 -10.14
CA LYS B 21 -4.95 -25.47 -10.66
C LYS B 21 -5.86 -26.65 -10.23
N GLN B 22 -6.25 -26.65 -8.95
CA GLN B 22 -7.10 -27.72 -8.38
C GLN B 22 -8.52 -27.68 -8.98
N LEU B 23 -9.05 -26.48 -9.10
CA LEU B 23 -10.34 -26.29 -9.78
C LEU B 23 -10.34 -26.79 -11.20
N LEU B 24 -9.30 -26.45 -11.98
CA LEU B 24 -9.18 -26.96 -13.31
C LEU B 24 -9.15 -28.49 -13.31
N ASP B 25 -8.44 -29.09 -12.35
CA ASP B 25 -8.34 -30.55 -12.30
C ASP B 25 -9.69 -31.28 -11.97
N PHE B 26 -10.51 -30.71 -11.07
CA PHE B 26 -11.96 -31.07 -10.83
C PHE B 26 -12.78 -31.19 -12.07
N GLY B 27 -12.64 -30.23 -12.95
CA GLY B 27 -13.40 -30.23 -14.18
C GLY B 27 -12.61 -30.88 -15.26
N SER B 28 -11.53 -31.55 -14.90
CA SER B 28 -10.75 -32.14 -15.94
C SER B 28 -11.60 -33.26 -16.48
N GLU B 29 -12.31 -33.95 -15.59
CA GLU B 29 -13.12 -35.06 -16.05
C GLU B 29 -14.39 -35.37 -15.29
N ASN B 30 -15.17 -36.26 -15.88
CA ASN B 30 -16.46 -36.63 -15.35
C ASN B 30 -16.38 -37.40 -14.02
N ALA B 31 -15.40 -38.30 -13.87
CA ALA B 31 -15.26 -39.06 -12.59
C ALA B 31 -14.98 -38.18 -11.32
N CYS B 32 -14.58 -36.93 -11.53
CA CYS B 32 -14.39 -36.05 -10.41
C CYS B 32 -15.70 -35.57 -9.75
N GLU B 33 -16.87 -35.85 -10.35
CA GLU B 33 -18.12 -35.32 -9.77
C GLU B 33 -18.30 -35.82 -8.34
N ARG B 34 -18.03 -37.11 -8.08
CA ARG B 34 -18.25 -37.60 -6.71
C ARG B 34 -17.29 -36.92 -5.72
N THR B 35 -16.06 -36.64 -6.16
CA THR B 35 -15.09 -35.89 -5.34
C THR B 35 -15.51 -34.46 -5.07
N SER B 36 -16.00 -33.77 -6.11
CA SER B 36 -16.42 -32.40 -5.93
C SER B 36 -17.60 -32.41 -4.96
N PHE B 37 -18.53 -33.36 -5.14
CA PHE B 37 -19.68 -33.53 -4.22
C PHE B 37 -19.27 -33.71 -2.74
N ALA B 38 -18.41 -34.70 -2.49
CA ALA B 38 -17.93 -34.98 -1.14
C ALA B 38 -17.21 -33.78 -0.53
N PHE B 39 -16.39 -33.08 -1.33
CA PHE B 39 -15.78 -31.82 -0.85
C PHE B 39 -16.81 -30.71 -0.54
N LEU B 40 -17.57 -30.30 -1.55
CA LEU B 40 -18.50 -29.16 -1.41
C LEU B 40 -19.64 -29.34 -0.38
N ARG B 41 -20.11 -30.58 -0.19
CA ARG B 41 -21.18 -30.76 0.77
C ARG B 41 -20.73 -30.45 2.18
N GLN B 42 -19.44 -30.61 2.48
CA GLN B 42 -18.83 -30.25 3.78
C GLN B 42 -18.34 -28.77 3.72
N GLU B 43 -17.66 -28.38 2.63
CA GLU B 43 -16.99 -27.09 2.54
C GLU B 43 -17.96 -25.90 2.52
N LEU B 44 -19.07 -26.03 1.79
CA LEU B 44 -20.00 -24.95 1.69
C LEU B 44 -20.64 -24.61 3.04
N PRO B 45 -21.08 -25.62 3.81
CA PRO B 45 -21.55 -25.38 5.20
C PRO B 45 -20.49 -24.73 6.11
N VAL B 46 -19.23 -25.17 6.02
CA VAL B 46 -18.16 -24.52 6.79
C VAL B 46 -18.06 -23.01 6.41
N ARG B 47 -18.05 -22.67 5.12
CA ARG B 47 -17.92 -21.28 4.73
C ARG B 47 -19.14 -20.43 5.15
N LEU B 48 -20.31 -21.03 5.03
CA LEU B 48 -21.53 -20.32 5.36
C LEU B 48 -21.60 -20.12 6.89
N ALA B 49 -21.20 -21.16 7.65
CA ALA B 49 -21.30 -21.09 9.10
C ALA B 49 -20.25 -20.05 9.61
N ASN B 50 -19.05 -20.02 9.01
CA ASN B 50 -18.04 -19.07 9.49
C ASN B 50 -18.57 -17.62 9.36
N ILE B 51 -19.22 -17.33 8.24
CA ILE B 51 -19.68 -15.95 7.97
C ILE B 51 -20.96 -15.64 8.74
N LEU B 52 -21.81 -16.63 8.94
CA LEU B 52 -22.94 -16.49 9.87
C LEU B 52 -22.54 -16.09 11.31
N LYS B 53 -21.49 -16.71 11.84
CA LYS B 53 -21.04 -16.34 13.20
C LYS B 53 -20.44 -14.93 13.19
N GLU B 54 -19.77 -14.57 12.12
CA GLU B 54 -19.38 -13.16 11.99
C GLU B 54 -20.50 -12.18 11.99
N ILE B 55 -21.53 -12.43 11.18
CA ILE B 55 -22.72 -11.62 11.13
C ILE B 55 -23.25 -11.28 12.53
N ASP B 56 -23.35 -12.30 13.40
CA ASP B 56 -23.90 -12.13 14.76
C ASP B 56 -23.05 -11.23 15.64
N ILE B 57 -21.84 -10.96 15.21
CA ILE B 57 -20.97 -10.04 15.90
C ILE B 57 -21.26 -8.55 15.57
N LEU B 58 -22.12 -8.28 14.60
CA LEU B 58 -22.27 -6.91 14.09
C LEU B 58 -23.08 -6.10 15.08
N PRO B 59 -23.08 -4.76 14.94
CA PRO B 59 -23.97 -3.95 15.78
C PRO B 59 -25.44 -4.36 15.62
N THR B 60 -26.11 -4.44 16.77
CA THR B 60 -27.49 -4.85 16.84
C THR B 60 -28.37 -4.11 15.83
N GLN B 61 -28.14 -2.81 15.65
CA GLN B 61 -29.00 -2.06 14.76
C GLN B 61 -28.74 -2.43 13.30
N LEU B 62 -27.56 -3.01 13.03
CA LEU B 62 -27.26 -3.54 11.67
C LEU B 62 -27.91 -4.91 11.41
N VAL B 63 -27.61 -5.86 12.30
CA VAL B 63 -28.12 -7.22 12.25
C VAL B 63 -29.65 -7.29 12.16
N ASN B 64 -30.33 -6.45 12.92
CA ASN B 64 -31.77 -6.46 12.90
C ASN B 64 -32.36 -5.73 11.68
N THR B 65 -31.56 -5.21 10.75
CA THR B 65 -32.22 -4.72 9.54
C THR B 65 -32.90 -5.91 8.84
N SER B 66 -34.00 -5.65 8.14
CA SER B 66 -34.65 -6.69 7.34
C SER B 66 -33.67 -7.23 6.31
N SER B 67 -32.79 -6.38 5.80
CA SER B 67 -31.85 -6.86 4.79
C SER B 67 -30.85 -7.87 5.35
N VAL B 68 -30.26 -7.58 6.51
CA VAL B 68 -29.34 -8.54 7.10
C VAL B 68 -30.07 -9.76 7.68
N GLN B 69 -31.27 -9.59 8.25
CA GLN B 69 -32.10 -10.76 8.64
C GLN B 69 -32.44 -11.67 7.44
N LEU B 70 -32.74 -11.10 6.28
CA LEU B 70 -32.87 -11.89 5.02
C LEU B 70 -31.64 -12.66 4.59
N VAL B 71 -30.48 -12.00 4.52
CA VAL B 71 -29.22 -12.67 4.15
C VAL B 71 -28.97 -13.84 5.09
N LYS B 72 -29.13 -13.62 6.38
CA LYS B 72 -28.92 -14.65 7.36
C LYS B 72 -29.91 -15.80 7.18
N SER B 73 -31.19 -15.49 6.96
CA SER B 73 -32.12 -16.56 6.71
C SER B 73 -31.82 -17.37 5.43
N TRP B 74 -31.27 -16.70 4.40
CA TRP B 74 -30.89 -17.43 3.18
C TRP B 74 -29.71 -18.34 3.41
N TYR B 75 -28.66 -17.79 4.03
CA TYR B 75 -27.44 -18.56 4.36
C TYR B 75 -27.76 -19.80 5.23
N ILE B 76 -28.64 -19.62 6.18
CA ILE B 76 -28.99 -20.68 7.10
C ILE B 76 -29.75 -21.74 6.31
N GLN B 77 -30.72 -21.36 5.49
CA GLN B 77 -31.48 -22.37 4.74
C GLN B 77 -30.56 -23.16 3.79
N SER B 78 -29.63 -22.45 3.14
CA SER B 78 -28.66 -23.04 2.20
C SER B 78 -27.76 -24.03 2.92
N LEU B 79 -27.30 -23.67 4.13
CA LEU B 79 -26.48 -24.57 4.89
C LEU B 79 -27.29 -25.83 5.22
N MET B 80 -28.57 -25.72 5.60
CA MET B 80 -29.37 -26.91 5.92
C MET B 80 -29.55 -27.81 4.68
N ASP B 81 -29.89 -27.15 3.57
CA ASP B 81 -30.09 -27.81 2.29
C ASP B 81 -28.88 -28.72 1.96
N LEU B 82 -27.69 -28.21 2.20
CA LEU B 82 -26.43 -28.94 1.98
C LEU B 82 -26.13 -30.06 2.95
N VAL B 83 -26.39 -29.82 4.23
CA VAL B 83 -26.10 -30.76 5.28
C VAL B 83 -27.05 -31.96 5.12
N GLU B 84 -28.22 -31.71 4.54
CA GLU B 84 -29.17 -32.81 4.19
C GLU B 84 -28.49 -33.93 3.34
N PHE B 85 -27.45 -33.54 2.59
CA PHE B 85 -26.71 -34.47 1.76
C PHE B 85 -25.63 -35.30 2.44
N HIS B 86 -25.41 -35.04 3.72
CA HIS B 86 -24.34 -35.71 4.42
C HIS B 86 -24.55 -37.21 4.58
N GLU B 87 -25.80 -37.67 4.63
CA GLU B 87 -26.05 -39.10 4.80
C GLU B 87 -25.98 -39.82 3.46
N LYS B 88 -25.88 -39.12 2.34
CA LYS B 88 -25.86 -39.81 1.02
C LYS B 88 -24.46 -40.32 0.57
N SER B 89 -24.45 -41.42 -0.18
CA SER B 89 -23.22 -41.93 -0.80
C SER B 89 -22.85 -41.08 -2.02
N PRO B 90 -21.59 -40.66 -2.11
CA PRO B 90 -21.11 -39.97 -3.29
C PRO B 90 -21.25 -40.79 -4.58
N ASP B 91 -21.41 -42.12 -4.48
CA ASP B 91 -21.61 -42.97 -5.68
C ASP B 91 -23.10 -43.07 -6.07
N ASP B 92 -23.95 -42.43 -5.28
CA ASP B 92 -25.39 -42.49 -5.51
C ASP B 92 -25.70 -41.43 -6.56
N GLN B 93 -25.89 -41.89 -7.78
CA GLN B 93 -26.09 -41.01 -8.93
C GLN B 93 -27.31 -40.10 -8.78
N LYS B 94 -28.38 -40.61 -8.16
CA LYS B 94 -29.51 -39.75 -7.83
C LYS B 94 -29.16 -38.67 -6.79
N ALA B 95 -28.39 -39.00 -5.75
CA ALA B 95 -27.89 -37.96 -4.82
C ALA B 95 -27.08 -36.87 -5.56
N LEU B 96 -26.26 -37.27 -6.52
CA LEU B 96 -25.38 -36.33 -7.23
C LEU B 96 -26.23 -35.41 -8.13
N SER B 97 -27.25 -35.97 -8.76
CA SER B 97 -28.16 -35.21 -9.57
C SER B 97 -28.92 -34.18 -8.70
N ASP B 98 -29.40 -34.64 -7.54
CA ASP B 98 -30.16 -33.79 -6.62
C ASP B 98 -29.26 -32.69 -6.07
N PHE B 99 -28.01 -33.03 -5.78
CA PHE B 99 -27.03 -32.05 -5.33
C PHE B 99 -26.86 -30.88 -6.32
N VAL B 100 -26.73 -31.19 -7.63
CA VAL B 100 -26.65 -30.15 -8.65
C VAL B 100 -27.90 -29.26 -8.59
N ASP B 101 -29.07 -29.88 -8.47
CA ASP B 101 -30.30 -29.10 -8.42
C ASP B 101 -30.29 -28.22 -7.17
N THR B 102 -29.83 -28.79 -6.06
CA THR B 102 -29.70 -27.99 -4.83
C THR B 102 -28.75 -26.80 -4.99
N LEU B 103 -27.61 -26.96 -5.66
CA LEU B 103 -26.67 -25.85 -5.84
C LEU B 103 -27.31 -24.77 -6.74
N ILE B 104 -28.09 -25.22 -7.72
CA ILE B 104 -28.82 -24.27 -8.56
C ILE B 104 -29.83 -23.50 -7.72
N LYS B 105 -30.48 -24.18 -6.79
CA LYS B 105 -31.46 -23.48 -5.94
C LYS B 105 -30.77 -22.49 -4.96
N VAL B 106 -29.65 -22.89 -4.36
CA VAL B 106 -28.84 -22.06 -3.45
C VAL B 106 -28.31 -20.86 -4.24
N ARG B 107 -27.77 -21.12 -5.41
CA ARG B 107 -27.34 -20.05 -6.29
C ARG B 107 -28.45 -19.02 -6.56
N ASN B 108 -29.62 -19.50 -6.93
CA ASN B 108 -30.73 -18.60 -7.21
C ASN B 108 -31.14 -17.85 -5.93
N ARG B 109 -31.11 -18.56 -4.81
CA ARG B 109 -31.52 -17.97 -3.54
C ARG B 109 -30.55 -16.84 -3.17
N HIS B 110 -29.29 -17.01 -3.51
CA HIS B 110 -28.24 -16.03 -3.11
C HIS B 110 -28.07 -14.93 -4.15
N HIS B 111 -28.92 -14.95 -5.17
CA HIS B 111 -28.68 -14.13 -6.33
C HIS B 111 -28.61 -12.65 -5.94
N ASN B 112 -29.50 -12.22 -5.07
CA ASN B 112 -29.49 -10.79 -4.66
C ASN B 112 -28.80 -10.51 -3.32
N VAL B 113 -27.84 -11.34 -2.96
CA VAL B 113 -27.16 -11.12 -1.71
C VAL B 113 -26.42 -9.74 -1.69
N VAL B 114 -25.62 -9.42 -2.70
CA VAL B 114 -24.88 -8.17 -2.67
C VAL B 114 -25.78 -6.90 -2.57
N PRO B 115 -26.77 -6.71 -3.48
CA PRO B 115 -27.63 -5.56 -3.28
C PRO B 115 -28.43 -5.62 -1.99
N THR B 116 -28.62 -6.80 -1.43
CA THR B 116 -29.37 -6.91 -0.19
C THR B 116 -28.55 -6.42 1.04
N MET B 117 -27.30 -6.89 1.14
CA MET B 117 -26.36 -6.39 2.14
C MET B 117 -26.17 -4.88 1.95
N ALA B 118 -25.97 -4.44 0.71
CA ALA B 118 -25.71 -3.04 0.45
C ALA B 118 -26.85 -2.15 0.95
N GLN B 119 -28.11 -2.59 0.74
CA GLN B 119 -29.28 -2.02 1.42
C GLN B 119 -29.31 -2.10 2.97
N GLY B 120 -28.84 -3.19 3.58
CA GLY B 120 -28.79 -3.24 5.04
C GLY B 120 -27.88 -2.09 5.49
N ILE B 121 -26.77 -1.93 4.78
CA ILE B 121 -25.78 -0.88 5.06
C ILE B 121 -26.42 0.49 5.01
N ILE B 122 -27.03 0.78 3.85
CA ILE B 122 -27.87 1.99 3.65
C ILE B 122 -28.87 2.25 4.79
N GLU B 123 -29.76 1.31 5.09
CA GLU B 123 -30.67 1.39 6.24
C GLU B 123 -29.92 1.82 7.51
N TYR B 124 -29.03 0.92 7.99
CA TYR B 124 -28.17 1.15 9.14
C TYR B 124 -27.61 2.56 9.15
N LYS B 125 -27.08 3.00 8.02
CA LYS B 125 -26.63 4.36 7.84
C LYS B 125 -27.76 5.33 8.03
N ALA B 127 -30.71 5.35 9.52
CA ALA B 127 -30.68 5.41 10.98
C ALA B 127 -29.30 5.87 11.45
N CYS B 128 -28.67 5.07 12.30
CA CYS B 128 -27.62 5.52 13.20
C CYS B 128 -26.51 6.41 12.67
N THR B 129 -26.54 6.76 11.39
CA THR B 129 -25.49 7.56 10.73
C THR B 129 -24.20 6.76 10.46
N VAL B 130 -24.01 5.67 11.18
CA VAL B 130 -22.77 4.91 11.09
C VAL B 130 -22.51 4.35 9.70
N ASP B 131 -21.23 4.29 9.36
CA ASP B 131 -20.78 4.18 7.97
C ASP B 131 -19.45 3.44 7.80
N PRO B 132 -19.16 2.94 6.58
CA PRO B 132 -17.86 2.25 6.45
C PRO B 132 -16.78 3.23 6.17
N VAL B 133 -17.17 4.43 5.70
CA VAL B 133 -16.15 5.35 5.46
C VAL B 133 -15.60 5.78 6.82
N THR B 134 -16.41 5.76 7.86
CA THR B 134 -15.92 6.31 9.12
C THR B 134 -15.79 5.22 10.16
N ASN B 135 -16.32 4.06 9.82
CA ASN B 135 -16.33 2.92 10.72
C ASN B 135 -15.49 1.74 10.17
N GLN B 136 -14.30 1.56 10.73
CA GLN B 136 -13.36 0.58 10.23
C GLN B 136 -13.84 -0.89 10.43
N ASN B 137 -14.67 -1.12 11.44
CA ASN B 137 -15.21 -2.44 11.66
C ASN B 137 -16.19 -2.86 10.58
N LEU B 138 -16.95 -1.90 10.10
CA LEU B 138 -17.92 -2.15 9.05
C LEU B 138 -17.18 -2.44 7.75
N GLN B 139 -16.16 -1.65 7.46
CA GLN B 139 -15.34 -1.90 6.29
C GLN B 139 -14.74 -3.29 6.32
N TYR B 140 -14.20 -3.66 7.47
CA TYR B 140 -13.51 -4.94 7.68
C TYR B 140 -14.50 -6.09 7.46
N PHE B 141 -15.67 -5.99 8.09
CA PHE B 141 -16.73 -6.99 7.86
C PHE B 141 -17.18 -7.12 6.43
N LEU B 142 -17.42 -6.00 5.75
CA LEU B 142 -17.90 -6.02 4.38
C LEU B 142 -16.84 -6.70 3.43
N ASP B 143 -15.55 -6.43 3.66
CA ASP B 143 -14.52 -7.11 2.84
C ASP B 143 -14.63 -8.64 3.00
N ARG B 144 -14.82 -9.08 4.25
CA ARG B 144 -14.85 -10.50 4.59
C ARG B 144 -16.16 -11.11 4.07
N PHE B 145 -17.27 -10.42 4.29
CA PHE B 145 -18.57 -10.95 3.86
C PHE B 145 -18.57 -11.12 2.35
N TYR B 146 -18.11 -10.10 1.65
CA TYR B 146 -18.17 -10.12 0.21
C TYR B 146 -17.12 -11.11 -0.39
N MET B 147 -15.95 -11.18 0.19
CA MET B 147 -14.92 -12.20 -0.30
C MET B 147 -15.50 -13.64 -0.06
N ASN B 148 -16.12 -13.84 1.10
CA ASN B 148 -16.78 -15.11 1.41
C ASN B 148 -17.81 -15.46 0.33
N ARG B 149 -18.69 -14.52 0.03
CA ARG B 149 -19.62 -14.64 -1.09
C ARG B 149 -18.96 -14.93 -2.44
N ILE B 150 -17.95 -14.17 -2.80
CA ILE B 150 -17.23 -14.45 -4.05
C ILE B 150 -16.79 -15.93 -4.12
N SER B 151 -16.27 -16.43 -2.99
CA SER B 151 -15.71 -17.74 -2.88
C SER B 151 -16.79 -18.84 -2.95
N THR B 152 -17.95 -18.69 -2.31
CA THR B 152 -18.96 -19.72 -2.40
C THR B 152 -19.63 -19.70 -3.73
N ARG B 153 -19.84 -18.52 -4.32
CA ARG B 153 -20.37 -18.47 -5.65
C ARG B 153 -19.42 -19.20 -6.64
N MET B 154 -18.11 -18.95 -6.53
CA MET B 154 -17.11 -19.52 -7.47
C MET B 154 -17.17 -21.05 -7.38
N LEU B 155 -17.14 -21.56 -6.15
CA LEU B 155 -17.12 -23.03 -5.96
C LEU B 155 -18.41 -23.69 -6.44
N MET B 156 -19.55 -23.10 -6.12
CA MET B 156 -20.81 -23.70 -6.55
C MET B 156 -20.97 -23.58 -8.02
N ASN B 157 -20.62 -22.43 -8.58
CA ASN B 157 -20.72 -22.30 -10.03
C ASN B 157 -19.84 -23.32 -10.77
N GLN B 158 -18.64 -23.54 -10.27
CA GLN B 158 -17.76 -24.52 -10.91
C GLN B 158 -18.51 -25.88 -11.06
N HIS B 159 -19.15 -26.38 -9.98
CA HIS B 159 -19.82 -27.69 -9.96
C HIS B 159 -21.05 -27.69 -10.85
N ILE B 160 -21.87 -26.62 -10.74
CA ILE B 160 -22.97 -26.47 -11.69
C ILE B 160 -22.51 -26.45 -13.14
N LEU B 161 -21.50 -25.65 -13.47
CA LEU B 161 -21.19 -25.42 -14.89
C LEU B 161 -20.48 -26.61 -15.50
N ILE B 162 -19.93 -27.48 -14.67
CA ILE B 162 -19.26 -28.69 -15.16
C ILE B 162 -20.20 -29.92 -15.20
N PHE B 163 -21.00 -30.05 -14.15
CA PHE B 163 -21.78 -31.28 -13.98
C PHE B 163 -23.27 -31.17 -14.23
N SER B 164 -23.85 -29.98 -14.27
CA SER B 164 -25.29 -29.93 -14.60
C SER B 164 -25.65 -30.39 -16.02
N ASP B 165 -26.89 -30.84 -16.22
CA ASP B 165 -27.42 -31.11 -17.59
C ASP B 165 -27.69 -29.89 -18.46
N SER B 166 -28.18 -28.86 -17.79
CA SER B 166 -28.94 -27.78 -18.38
C SER B 166 -28.15 -26.45 -18.34
N GLN B 167 -27.18 -26.34 -17.44
CA GLN B 167 -26.34 -25.13 -17.38
C GLN B 167 -24.85 -25.43 -17.61
N THR B 168 -24.39 -25.36 -18.83
CA THR B 168 -23.07 -25.83 -19.13
C THR B 168 -22.00 -24.72 -19.33
N GLY B 169 -22.35 -23.44 -19.28
CA GLY B 169 -21.25 -22.45 -19.41
C GLY B 169 -20.50 -22.54 -20.75
N ASN B 170 -19.50 -21.68 -20.98
CA ASN B 170 -18.72 -21.67 -22.21
C ASN B 170 -18.00 -22.95 -22.50
N PRO B 171 -18.17 -23.52 -23.70
CA PRO B 171 -17.52 -24.81 -23.97
C PRO B 171 -16.00 -24.73 -23.86
N SER B 172 -15.45 -23.52 -23.94
CA SER B 172 -13.99 -23.36 -23.93
C SER B 172 -13.46 -23.18 -22.56
N HIS B 173 -14.34 -23.07 -21.55
CA HIS B 173 -13.91 -22.90 -20.17
C HIS B 173 -14.11 -24.21 -19.41
N ILE B 174 -13.41 -24.32 -18.30
CA ILE B 174 -13.67 -25.35 -17.31
C ILE B 174 -14.41 -24.66 -16.15
N GLY B 175 -15.73 -24.89 -16.08
CA GLY B 175 -16.57 -24.15 -15.17
C GLY B 175 -16.54 -22.69 -15.63
N SER B 176 -16.10 -21.78 -14.77
CA SER B 176 -15.99 -20.40 -15.17
C SER B 176 -14.52 -20.03 -15.43
N ILE B 177 -13.61 -21.01 -15.43
CA ILE B 177 -12.21 -20.71 -15.64
C ILE B 177 -11.80 -20.88 -17.10
N ASP B 178 -11.15 -19.87 -17.66
CA ASP B 178 -10.58 -19.95 -18.96
C ASP B 178 -9.07 -20.33 -18.80
N PRO B 179 -8.70 -21.55 -19.13
CA PRO B 179 -7.29 -21.94 -18.90
C PRO B 179 -6.36 -21.19 -19.88
N ASN B 180 -6.93 -20.44 -20.83
CA ASN B 180 -6.07 -19.74 -21.82
C ASN B 180 -6.61 -18.32 -22.07
N CYS B 181 -6.77 -17.57 -21.00
CA CYS B 181 -7.56 -16.33 -21.04
C CYS B 181 -6.78 -15.30 -21.85
N ASP B 182 -7.40 -14.79 -22.92
CA ASP B 182 -6.80 -13.78 -23.77
C ASP B 182 -6.99 -12.42 -23.02
N VAL B 183 -5.99 -12.09 -22.25
CA VAL B 183 -6.07 -10.91 -21.37
C VAL B 183 -6.37 -9.62 -22.14
N VAL B 184 -5.60 -9.34 -23.18
CA VAL B 184 -5.82 -8.12 -23.97
C VAL B 184 -7.25 -8.05 -24.51
N ALA B 185 -7.78 -9.19 -24.98
CA ALA B 185 -9.17 -9.25 -25.46
C ALA B 185 -10.16 -8.83 -24.35
N VAL B 186 -9.95 -9.30 -23.14
CA VAL B 186 -10.84 -8.94 -22.06
C VAL B 186 -10.68 -7.41 -21.73
N VAL B 187 -9.44 -6.89 -21.81
CA VAL B 187 -9.22 -5.42 -21.64
C VAL B 187 -10.05 -4.64 -22.65
N GLN B 188 -10.02 -5.01 -23.94
CA GLN B 188 -10.64 -4.24 -24.97
C GLN B 188 -12.15 -4.32 -24.84
N ASP B 189 -12.66 -5.49 -24.42
CA ASP B 189 -14.10 -5.68 -24.27
C ASP B 189 -14.58 -4.76 -23.12
N ALA B 190 -13.91 -4.80 -21.95
CA ALA B 190 -14.32 -4.02 -20.80
C ALA B 190 -14.23 -2.52 -21.09
N PHE B 191 -13.17 -2.12 -21.81
CA PHE B 191 -13.03 -0.74 -22.25
C PHE B 191 -14.23 -0.31 -23.05
N GLU B 192 -14.61 -1.13 -24.05
CA GLU B 192 -15.82 -0.85 -24.84
C GLU B 192 -17.10 -0.71 -24.04
N CYS B 193 -17.32 -1.62 -23.08
CA CYS B 193 -18.51 -1.51 -22.20
C CYS B 193 -18.55 -0.17 -21.48
N SER B 194 -17.41 0.21 -20.93
CA SER B 194 -17.26 1.48 -20.23
C SER B 194 -17.47 2.67 -21.16
N ARG B 195 -16.89 2.60 -22.36
CA ARG B 195 -17.09 3.66 -23.39
C ARG B 195 -18.57 3.89 -23.62
N MET B 196 -19.29 2.80 -23.73
CA MET B 196 -20.69 2.93 -24.05
C MET B 196 -21.45 3.66 -22.95
N LEU B 197 -21.19 3.32 -21.69
CA LEU B 197 -21.87 3.99 -20.57
C LEU B 197 -21.48 5.45 -20.49
N CYS B 198 -20.16 5.68 -20.55
CA CYS B 198 -19.60 7.01 -20.57
C CYS B 198 -20.21 7.92 -21.66
N ASP B 199 -20.35 7.45 -22.90
CA ASP B 199 -20.95 8.24 -23.95
C ASP B 199 -22.38 8.65 -23.59
N GLN B 200 -23.09 7.81 -22.84
CA GLN B 200 -24.46 8.11 -22.47
C GLN B 200 -24.55 9.21 -21.40
N TYR B 201 -23.55 9.30 -20.54
CA TYR B 201 -23.53 10.40 -19.57
C TYR B 201 -22.91 11.70 -20.08
N TYR B 202 -22.00 11.62 -21.05
CA TYR B 202 -21.19 12.81 -21.41
C TYR B 202 -21.16 13.14 -22.89
N LEU B 203 -21.61 12.21 -23.73
CA LEU B 203 -21.47 12.35 -25.21
C LEU B 203 -20.02 12.46 -25.65
N SER B 204 -19.14 11.85 -24.90
CA SER B 204 -17.80 11.62 -25.37
C SER B 204 -17.20 10.68 -24.36
N SER B 205 -16.12 10.01 -24.73
CA SER B 205 -15.33 9.24 -23.80
C SER B 205 -13.91 9.20 -24.35
N PRO B 206 -12.91 8.92 -23.47
CA PRO B 206 -11.56 8.89 -24.01
C PRO B 206 -11.38 7.65 -24.87
N GLU B 207 -10.37 7.70 -25.73
CA GLU B 207 -9.94 6.56 -26.46
C GLU B 207 -8.97 5.69 -25.68
N LEU B 208 -8.83 4.44 -26.09
CA LEU B 208 -7.84 3.52 -25.45
C LEU B 208 -6.52 3.49 -26.23
N LYS B 209 -5.40 3.69 -25.52
CA LYS B 209 -4.11 3.47 -26.13
C LYS B 209 -3.49 2.31 -25.38
N LEU B 210 -3.33 1.18 -26.06
CA LEU B 210 -2.94 -0.02 -25.35
C LEU B 210 -1.56 -0.49 -25.76
N THR B 211 -0.79 -0.92 -24.77
CA THR B 211 0.56 -1.45 -25.04
C THR B 211 0.66 -2.83 -24.35
N GLN B 212 1.44 -3.74 -24.90
CA GLN B 212 1.60 -5.01 -24.17
C GLN B 212 3.03 -5.51 -24.27
N VAL B 213 3.45 -6.19 -23.21
CA VAL B 213 4.80 -6.63 -23.11
C VAL B 213 4.78 -8.05 -22.58
N ASN B 214 5.21 -8.99 -23.40
CA ASN B 214 5.28 -10.31 -22.88
C ASN B 214 6.73 -10.60 -22.47
N GLY B 215 6.96 -10.46 -21.18
CA GLY B 215 8.31 -10.66 -20.66
C GLY B 215 8.57 -12.14 -20.64
N LYS B 216 7.52 -12.95 -20.42
CA LYS B 216 7.73 -14.40 -20.25
C LYS B 216 8.24 -15.04 -21.54
N PHE B 217 7.52 -14.84 -22.66
CA PHE B 217 8.08 -15.11 -24.02
C PHE B 217 7.87 -13.96 -25.02
N PRO B 218 8.93 -13.20 -25.30
CA PRO B 218 8.69 -11.96 -26.04
C PRO B 218 7.84 -12.09 -27.30
N ASP B 219 7.06 -11.04 -27.62
CA ASP B 219 6.30 -11.02 -28.88
C ASP B 219 5.16 -12.09 -29.02
N GLN B 220 5.00 -12.96 -28.03
CA GLN B 220 3.87 -13.88 -28.00
C GLN B 220 2.63 -13.23 -27.34
N PRO B 221 1.45 -13.59 -27.85
CA PRO B 221 0.20 -13.23 -27.19
C PRO B 221 0.19 -13.57 -25.68
N ILE B 222 -0.49 -12.74 -24.92
CA ILE B 222 -0.47 -12.86 -23.47
C ILE B 222 -1.70 -13.59 -22.97
N HIS B 223 -1.49 -14.79 -22.43
CA HIS B 223 -2.62 -15.59 -21.91
C HIS B 223 -2.25 -16.13 -20.54
N ILE B 224 -3.21 -16.16 -19.63
CA ILE B 224 -2.98 -16.88 -18.40
C ILE B 224 -4.23 -17.69 -18.11
N VAL B 225 -4.14 -18.62 -17.16
CA VAL B 225 -5.31 -19.23 -16.56
C VAL B 225 -6.06 -18.23 -15.63
N TYR B 226 -7.31 -17.95 -15.96
CA TYR B 226 -8.02 -16.94 -15.18
C TYR B 226 -9.54 -17.04 -15.24
N VAL B 227 -10.26 -16.40 -14.31
CA VAL B 227 -11.72 -16.39 -14.43
C VAL B 227 -12.08 -15.07 -15.20
N PRO B 228 -12.47 -15.15 -16.52
CA PRO B 228 -12.59 -13.84 -17.29
C PRO B 228 -13.68 -12.88 -16.81
N SER B 229 -14.76 -13.40 -16.19
CA SER B 229 -15.76 -12.54 -15.68
C SER B 229 -15.20 -11.71 -14.51
N HIS B 230 -14.36 -12.28 -13.66
CA HIS B 230 -13.75 -11.49 -12.57
C HIS B 230 -12.84 -10.41 -13.14
N LEU B 231 -12.02 -10.83 -14.11
CA LEU B 231 -11.09 -9.89 -14.76
C LEU B 231 -11.86 -8.74 -15.45
N HIS B 232 -12.93 -9.10 -16.18
CA HIS B 232 -13.75 -8.09 -16.84
C HIS B 232 -14.37 -7.12 -15.78
N HIS B 233 -14.83 -7.63 -14.65
CA HIS B 233 -15.48 -6.75 -13.68
C HIS B 233 -14.47 -5.73 -13.12
N MET B 234 -13.25 -6.17 -12.80
CA MET B 234 -12.21 -5.25 -12.30
C MET B 234 -11.90 -4.20 -13.32
N LEU B 235 -11.71 -4.65 -14.57
CA LEU B 235 -11.36 -3.71 -15.61
C LEU B 235 -12.48 -2.69 -15.91
N PHE B 236 -13.70 -3.17 -16.00
CA PHE B 236 -14.86 -2.36 -16.25
C PHE B 236 -14.98 -1.27 -15.12
N GLU B 237 -14.86 -1.69 -13.86
CA GLU B 237 -14.90 -0.69 -12.77
C GLU B 237 -13.77 0.33 -12.85
N LEU B 238 -12.55 -0.07 -13.19
CA LEU B 238 -11.46 0.90 -13.24
C LEU B 238 -11.60 1.77 -14.45
N PHE B 239 -12.14 1.24 -15.55
CA PHE B 239 -12.38 2.07 -16.75
C PHE B 239 -13.47 3.11 -16.53
N LYS B 240 -14.53 2.75 -15.85
CA LYS B 240 -15.59 3.72 -15.60
C LYS B 240 -15.04 4.89 -14.76
N ASN B 241 -14.21 4.54 -13.78
CA ASN B 241 -13.53 5.51 -12.91
C ASN B 241 -12.59 6.44 -13.64
N ALA B 242 -11.72 5.89 -14.50
CA ALA B 242 -10.81 6.68 -15.28
C ALA B 242 -11.53 7.59 -16.31
N MET B 243 -12.61 7.10 -16.88
CA MET B 243 -13.33 7.85 -17.86
C MET B 243 -14.11 8.96 -17.21
N ARG B 244 -14.81 8.69 -16.11
CA ARG B 244 -15.44 9.86 -15.44
C ARG B 244 -14.42 10.92 -15.06
N ALA B 245 -13.30 10.48 -14.48
CA ALA B 245 -12.30 11.45 -13.99
C ALA B 245 -11.76 12.24 -15.19
N THR B 246 -11.47 11.52 -16.28
CA THR B 246 -10.92 12.18 -17.47
C THR B 246 -11.84 13.21 -18.09
N VAL B 247 -13.09 12.80 -18.35
CA VAL B 247 -14.03 13.71 -18.96
C VAL B 247 -14.30 14.94 -18.09
N GLU B 248 -14.49 14.75 -16.77
CA GLU B 248 -14.84 15.94 -15.95
C GLU B 248 -13.66 16.89 -15.74
N HIS B 249 -12.46 16.34 -15.64
CA HIS B 249 -11.26 17.11 -15.49
C HIS B 249 -10.99 17.88 -16.76
N GLN B 250 -11.27 17.27 -17.92
CA GLN B 250 -10.89 17.91 -19.19
C GLN B 250 -12.03 18.62 -19.94
N GLU B 251 -13.13 18.86 -19.26
CA GLU B 251 -14.35 19.23 -20.01
C GLU B 251 -14.31 20.42 -20.99
N ASN B 252 -13.39 21.38 -20.75
CA ASN B 252 -13.24 22.64 -21.52
C ASN B 252 -12.04 22.62 -22.51
N GLN B 253 -11.50 21.43 -22.80
CA GLN B 253 -10.40 21.26 -23.76
C GLN B 253 -10.96 20.76 -25.05
N PRO B 254 -10.30 21.08 -26.17
CA PRO B 254 -10.75 20.64 -27.52
C PRO B 254 -10.89 19.11 -27.67
N SER B 255 -10.16 18.32 -26.89
CA SER B 255 -10.32 16.87 -26.96
C SER B 255 -9.85 16.10 -25.69
N LEU B 256 -10.17 14.81 -25.69
CA LEU B 256 -9.78 13.95 -24.59
C LEU B 256 -8.42 13.25 -24.77
N THR B 257 -7.51 13.43 -23.82
CA THR B 257 -6.43 12.52 -23.66
C THR B 257 -6.93 11.11 -23.43
N PRO B 258 -6.37 10.20 -24.20
CA PRO B 258 -6.72 8.82 -24.06
C PRO B 258 -6.38 8.27 -22.68
N ILE B 259 -6.99 7.13 -22.34
CA ILE B 259 -6.55 6.30 -21.22
C ILE B 259 -5.48 5.33 -21.76
N GLU B 260 -4.32 5.28 -21.10
CA GLU B 260 -3.22 4.42 -21.53
C GLU B 260 -3.26 3.18 -20.71
N VAL B 261 -3.21 2.03 -21.36
CA VAL B 261 -3.18 0.77 -20.61
C VAL B 261 -1.96 0.01 -21.06
N ILE B 262 -1.18 -0.48 -20.11
CA ILE B 262 -0.14 -1.48 -20.44
C ILE B 262 -0.40 -2.83 -19.74
N VAL B 263 -0.27 -3.91 -20.52
CA VAL B 263 -0.47 -5.27 -19.98
C VAL B 263 0.90 -5.98 -20.06
N VAL B 264 1.40 -6.48 -18.92
CA VAL B 264 2.77 -7.01 -18.88
C VAL B 264 2.68 -8.40 -18.33
N LEU B 265 3.28 -9.38 -19.03
CA LEU B 265 3.35 -10.75 -18.45
C LEU B 265 4.77 -10.98 -17.98
N GLY B 266 4.96 -11.23 -16.69
CA GLY B 266 6.30 -11.47 -16.21
C GLY B 266 6.37 -12.90 -15.69
N LYS B 267 7.43 -13.27 -15.00
CA LYS B 267 7.50 -14.72 -14.64
C LYS B 267 6.38 -15.15 -13.67
N GLU B 268 6.17 -14.34 -12.62
CA GLU B 268 5.24 -14.72 -11.60
C GLU B 268 3.93 -13.97 -11.72
N ASP B 269 3.92 -12.84 -12.42
CA ASP B 269 2.77 -11.95 -12.34
C ASP B 269 2.34 -11.50 -13.72
N LEU B 270 1.06 -11.24 -13.84
CA LEU B 270 0.46 -10.53 -14.96
C LEU B 270 0.04 -9.20 -14.29
N THR B 271 0.42 -8.09 -14.89
CA THR B 271 0.12 -6.73 -14.32
C THR B 271 -0.53 -5.91 -15.42
N ILE B 272 -1.57 -5.16 -15.08
CA ILE B 272 -2.26 -4.28 -16.02
C ILE B 272 -2.26 -2.89 -15.34
N LYS B 273 -1.63 -1.92 -15.98
CA LYS B 273 -1.66 -0.57 -15.44
C LYS B 273 -2.55 0.29 -16.30
N ILE B 274 -3.53 0.97 -15.67
CA ILE B 274 -4.44 1.86 -16.37
C ILE B 274 -4.18 3.35 -15.92
N SER B 275 -3.76 4.20 -16.87
CA SER B 275 -3.23 5.58 -16.59
C SER B 275 -4.17 6.56 -17.24
N ASP B 276 -4.63 7.53 -16.48
CA ASP B 276 -5.53 8.57 -16.99
C ASP B 276 -4.98 9.95 -16.70
N ARG B 277 -5.55 10.94 -17.35
CA ARG B 277 -5.21 12.33 -17.05
C ARG B 277 -6.47 12.98 -16.55
N GLY B 278 -7.03 12.37 -15.49
CA GLY B 278 -8.28 12.78 -14.88
C GLY B 278 -8.13 13.67 -13.64
N GLY B 279 -6.95 14.28 -13.52
CA GLY B 279 -6.68 15.26 -12.44
C GLY B 279 -6.26 14.72 -11.09
N GLY B 280 -6.38 13.42 -10.91
CA GLY B 280 -5.83 12.79 -9.72
C GLY B 280 -6.61 13.00 -8.46
N VAL B 281 -5.96 12.65 -7.35
CA VAL B 281 -6.58 12.59 -6.06
C VAL B 281 -5.55 13.01 -4.97
N PRO B 282 -5.92 13.88 -4.00
CA PRO B 282 -4.96 14.16 -2.89
C PRO B 282 -4.55 12.90 -2.13
N LEU B 283 -3.25 12.77 -1.80
CA LEU B 283 -2.77 11.52 -1.22
C LEU B 283 -3.60 11.17 0.05
N ARG B 284 -4.00 12.22 0.76
CA ARG B 284 -4.78 12.17 2.00
C ARG B 284 -6.08 11.32 1.91
N ILE B 285 -6.73 11.38 0.74
CA ILE B 285 -8.04 10.72 0.56
C ILE B 285 -7.89 9.46 -0.21
N ILE B 286 -6.67 9.11 -0.60
CA ILE B 286 -6.55 7.88 -1.37
C ILE B 286 -7.16 6.67 -0.62
N ASP B 287 -6.90 6.51 0.67
CA ASP B 287 -7.41 5.32 1.37
C ASP B 287 -8.92 5.33 1.43
N ARG B 288 -9.50 6.52 1.68
CA ARG B 288 -10.94 6.68 1.70
C ARG B 288 -11.57 6.12 0.42
N LEU B 289 -10.89 6.31 -0.71
CA LEU B 289 -11.47 5.87 -1.99
C LEU B 289 -11.89 4.39 -2.00
N PHE B 290 -11.22 3.53 -1.24
CA PHE B 290 -11.54 2.09 -1.25
C PHE B 290 -12.60 1.73 -0.21
N SER B 291 -13.10 2.69 0.54
CA SER B 291 -14.17 2.36 1.48
C SER B 291 -15.49 2.18 0.76
N TYR B 292 -16.30 1.20 1.22
CA TYR B 292 -17.64 0.93 0.66
C TYR B 292 -18.45 2.17 0.89
N THR B 293 -19.21 2.55 -0.13
CA THR B 293 -20.00 3.76 -0.15
C THR B 293 -19.28 5.08 -0.49
N TYR B 294 -17.95 5.13 -0.39
CA TYR B 294 -17.27 6.41 -0.58
C TYR B 294 -17.42 6.78 -2.05
N SER B 295 -17.99 7.95 -2.31
CA SER B 295 -18.03 8.41 -3.72
C SER B 295 -18.01 9.94 -3.74
N THR B 296 -17.31 10.54 -4.69
CA THR B 296 -17.44 11.97 -4.92
C THR B 296 -18.59 12.27 -5.82
N ALA B 297 -19.33 11.27 -6.27
CA ALA B 297 -20.49 11.56 -7.11
C ALA B 297 -21.72 11.64 -6.21
N PRO B 298 -22.78 12.35 -6.66
CA PRO B 298 -24.06 12.23 -5.95
C PRO B 298 -24.59 10.80 -6.02
N THR B 299 -25.32 10.38 -5.01
CA THR B 299 -25.84 9.01 -5.01
C THR B 299 -26.94 8.90 -6.05
N PRO B 300 -26.92 7.84 -6.87
CA PRO B 300 -28.06 7.72 -7.79
C PRO B 300 -29.33 7.24 -7.07
N PRO B 309 -26.17 3.13 -13.60
CA PRO B 309 -25.37 4.20 -12.99
C PRO B 309 -23.86 4.12 -13.29
N LEU B 310 -23.25 5.24 -13.70
CA LEU B 310 -21.81 5.28 -13.89
C LEU B 310 -21.07 5.27 -12.54
N ALA B 311 -21.49 6.17 -11.64
CA ALA B 311 -20.82 6.29 -10.34
C ALA B 311 -21.79 6.74 -9.23
N GLY B 312 -21.42 6.53 -7.96
CA GLY B 312 -22.19 7.12 -6.86
C GLY B 312 -22.48 6.16 -5.72
N PHE B 313 -22.49 4.86 -6.00
CA PHE B 313 -22.62 3.85 -4.91
C PHE B 313 -21.35 3.52 -4.15
N GLY B 314 -20.20 3.80 -4.77
CA GLY B 314 -18.92 3.66 -4.12
C GLY B 314 -18.52 2.21 -3.82
N TYR B 315 -18.84 1.28 -4.72
CA TYR B 315 -18.47 -0.13 -4.51
C TYR B 315 -17.42 -0.53 -5.54
N GLY B 316 -17.25 0.27 -6.59
CA GLY B 316 -16.32 -0.11 -7.67
C GLY B 316 -14.91 -0.50 -7.22
N LEU B 317 -14.26 0.35 -6.42
CA LEU B 317 -12.90 0.05 -5.95
C LEU B 317 -12.79 -1.14 -4.99
N PRO B 318 -13.51 -1.12 -3.85
CA PRO B 318 -13.33 -2.17 -2.88
C PRO B 318 -13.74 -3.58 -3.42
N ILE B 319 -14.77 -3.64 -4.23
CA ILE B 319 -15.17 -4.90 -4.85
C ILE B 319 -14.14 -5.37 -5.89
N SER B 320 -13.67 -4.47 -6.75
CA SER B 320 -12.65 -4.90 -7.76
C SER B 320 -11.41 -5.36 -6.99
N ARG B 321 -11.03 -4.66 -5.93
CA ARG B 321 -9.89 -5.10 -5.17
C ARG B 321 -10.14 -6.51 -4.54
N LEU B 322 -11.36 -6.80 -4.11
CA LEU B 322 -11.60 -8.19 -3.60
C LEU B 322 -11.41 -9.23 -4.73
N TYR B 323 -11.91 -8.97 -5.93
CA TYR B 323 -11.67 -9.90 -7.07
C TYR B 323 -10.22 -10.12 -7.28
N ALA B 324 -9.43 -9.05 -7.23
CA ALA B 324 -7.97 -9.19 -7.48
C ALA B 324 -7.33 -10.00 -6.36
N LYS B 325 -7.67 -9.70 -5.11
CA LYS B 325 -7.05 -10.41 -4.00
C LYS B 325 -7.52 -11.87 -3.81
N TYR B 326 -8.70 -12.14 -4.34
CA TYR B 326 -9.33 -13.49 -4.16
C TYR B 326 -8.39 -14.64 -4.55
N PHE B 327 -7.63 -14.48 -5.65
CA PHE B 327 -6.64 -15.47 -6.06
C PHE B 327 -5.19 -14.99 -5.89
N GLN B 328 -4.97 -14.22 -4.81
CA GLN B 328 -3.65 -13.79 -4.36
C GLN B 328 -3.08 -12.71 -5.25
N GLY B 329 -3.96 -12.02 -5.97
CA GLY B 329 -3.58 -10.82 -6.74
C GLY B 329 -3.69 -9.55 -5.87
N ASP B 330 -3.78 -8.38 -6.48
CA ASP B 330 -3.94 -7.17 -5.68
C ASP B 330 -4.38 -6.08 -6.67
N LEU B 331 -4.83 -4.97 -6.08
CA LEU B 331 -5.21 -3.78 -6.84
C LEU B 331 -4.82 -2.54 -6.04
N ASN B 332 -4.08 -1.63 -6.67
CA ASN B 332 -3.63 -0.44 -5.96
C ASN B 332 -3.87 0.74 -6.86
N LEU B 333 -3.92 1.93 -6.27
CA LEU B 333 -4.07 3.17 -7.04
C LEU B 333 -2.95 4.11 -6.51
N TYR B 334 -2.30 4.80 -7.42
CA TYR B 334 -1.25 5.76 -7.09
C TYR B 334 -1.64 6.99 -7.90
N SER B 335 -1.75 8.14 -7.25
CA SER B 335 -2.23 9.30 -8.01
C SER B 335 -1.23 10.44 -8.04
N LEU B 336 -1.26 11.24 -9.09
CA LEU B 336 -0.52 12.49 -9.07
C LEU B 336 -1.57 13.63 -9.06
N SER B 337 -1.84 14.13 -7.86
CA SER B 337 -2.88 15.11 -7.66
C SER B 337 -2.59 16.29 -8.51
N GLY B 338 -3.55 16.69 -9.34
CA GLY B 338 -3.33 17.87 -10.19
C GLY B 338 -3.11 17.36 -11.62
N TYR B 339 -2.96 16.06 -11.80
CA TYR B 339 -2.63 15.54 -13.14
C TYR B 339 -3.45 14.29 -13.55
N GLY B 340 -3.31 13.20 -12.80
CA GLY B 340 -3.92 11.99 -13.22
C GLY B 340 -3.58 10.87 -12.28
N THR B 341 -4.05 9.68 -12.64
CA THR B 341 -3.99 8.50 -11.72
C THR B 341 -3.56 7.22 -12.44
N ASP B 342 -2.77 6.37 -11.76
CA ASP B 342 -2.46 5.02 -12.24
C ASP B 342 -3.20 4.03 -11.37
N ALA B 343 -4.03 3.18 -12.00
CA ALA B 343 -4.64 2.08 -11.29
C ALA B 343 -3.95 0.79 -11.76
N ILE B 344 -3.56 -0.08 -10.81
CA ILE B 344 -2.83 -1.25 -11.21
C ILE B 344 -3.39 -2.56 -10.64
N ILE B 345 -3.65 -3.51 -11.54
CA ILE B 345 -4.09 -4.84 -11.15
C ILE B 345 -2.89 -5.82 -11.21
N TYR B 346 -2.73 -6.64 -10.18
CA TYR B 346 -1.70 -7.68 -10.23
C TYR B 346 -2.44 -9.01 -10.11
N LEU B 347 -2.13 -9.95 -11.00
CA LEU B 347 -2.69 -11.31 -10.93
C LEU B 347 -1.53 -12.25 -10.92
N LYS B 348 -1.69 -13.37 -10.23
CA LYS B 348 -0.69 -14.41 -10.31
C LYS B 348 -0.72 -15.02 -11.73
N ALA B 349 0.44 -15.21 -12.32
CA ALA B 349 0.53 -15.85 -13.62
C ALA B 349 0.48 -17.42 -13.61
N LEU B 350 0.65 -18.06 -12.46
CA LEU B 350 0.69 -19.55 -12.35
C LEU B 350 -0.57 -19.98 -11.63
N SER B 351 -1.33 -20.87 -12.25
CA SER B 351 -2.58 -21.38 -11.65
C SER B 351 -2.35 -22.01 -10.27
N SER B 352 -1.16 -22.59 -10.04
CA SER B 352 -0.90 -23.28 -8.78
C SER B 352 -0.69 -22.27 -7.58
N GLU B 353 -0.34 -21.02 -7.90
CA GLU B 353 -0.15 -19.96 -6.89
C GLU B 353 -1.40 -19.08 -6.76
N SER B 354 -2.39 -19.34 -7.64
CA SER B 354 -3.65 -18.65 -7.61
C SER B 354 -4.55 -19.34 -6.61
N ILE B 355 -4.43 -18.97 -5.33
CA ILE B 355 -5.05 -19.73 -4.26
C ILE B 355 -6.08 -18.88 -3.59
N GLU B 356 -7.25 -19.46 -3.28
CA GLU B 356 -8.33 -18.62 -2.68
C GLU B 356 -7.85 -17.94 -1.38
N LYS B 357 -8.24 -16.68 -1.23
CA LYS B 357 -7.93 -15.92 0.00
C LYS B 357 -9.22 -15.75 0.81
N LEU B 358 -9.38 -16.48 1.91
CA LEU B 358 -10.67 -16.65 2.54
C LEU B 358 -10.62 -16.08 3.95
N PRO B 359 -11.71 -15.45 4.40
CA PRO B 359 -11.81 -15.07 5.84
C PRO B 359 -12.15 -16.30 6.73
N VAL B 360 -11.65 -16.32 7.97
CA VAL B 360 -11.98 -17.42 8.89
C VAL B 360 -12.46 -16.74 10.13
N PHE B 361 -13.51 -17.24 10.72
CA PHE B 361 -14.01 -16.69 11.98
C PHE B 361 -13.28 -17.34 13.12
N ASN B 362 -12.33 -16.64 13.73
CA ASN B 362 -11.59 -17.23 14.85
C ASN B 362 -11.28 -16.16 15.89
N LYS B 363 -10.46 -16.51 16.87
CA LYS B 363 -10.12 -15.56 17.94
C LYS B 363 -9.53 -14.29 17.36
N SER B 364 -8.63 -14.42 16.40
CA SER B 364 -7.96 -13.26 15.82
C SER B 364 -8.92 -12.34 15.04
N ALA B 365 -9.91 -12.90 14.32
CA ALA B 365 -10.96 -12.08 13.71
C ALA B 365 -11.82 -11.35 14.76
N PHE B 366 -12.24 -12.07 15.80
CA PHE B 366 -13.02 -11.49 16.90
C PHE B 366 -12.27 -10.30 17.53
N LYS B 367 -10.95 -10.45 17.70
CA LYS B 367 -10.14 -9.38 18.29
C LYS B 367 -10.11 -8.12 17.41
N HIS B 368 -9.82 -8.28 16.13
CA HIS B 368 -9.94 -7.20 15.17
C HIS B 368 -11.24 -6.41 15.34
N TYR B 369 -12.32 -7.05 15.78
CA TYR B 369 -13.58 -6.34 16.02
C TYR B 369 -13.57 -5.63 17.39
N ASP B 377 1.57 5.54 18.93
CA ASP B 377 3.02 5.38 19.13
C ASP B 377 3.83 6.32 18.20
N TRP B 378 3.12 6.91 17.23
CA TRP B 378 3.68 7.96 16.38
C TRP B 378 2.80 9.21 16.57
N CYS B 379 3.43 10.38 16.67
CA CYS B 379 2.70 11.64 16.68
C CYS B 379 2.67 12.00 15.22
N ILE B 380 1.56 11.71 14.54
CA ILE B 380 1.64 11.44 13.08
C ILE B 380 0.76 12.28 12.21
MG MG C . 19.61 1.61 -3.58
PB ADP D . 20.40 -1.36 -2.59
O1B ADP D . 20.25 -2.87 -3.00
O2B ADP D . 21.59 -1.10 -1.77
O3B ADP D . 20.26 -0.46 -3.76
PA ADP D . 17.73 -0.32 -1.80
O1A ADP D . 17.99 0.93 -2.61
O2A ADP D . 17.00 -0.33 -0.47
O3A ADP D . 19.12 -1.11 -1.57
O5' ADP D . 16.89 -1.28 -2.83
C5' ADP D . 16.67 -2.65 -2.41
C4' ADP D . 16.48 -3.61 -3.59
O4' ADP D . 15.28 -3.23 -4.24
C3' ADP D . 17.51 -3.48 -4.71
O3' ADP D . 18.73 -4.21 -4.47
C2' ADP D . 16.76 -3.97 -5.92
O2' ADP D . 16.77 -5.39 -5.89
C1' ADP D . 15.33 -3.50 -5.64
N9 ADP D . 14.99 -2.28 -6.40
C8 ADP D . 14.93 -1.01 -5.93
N7 ADP D . 14.52 -0.15 -6.90
C5 ADP D . 14.34 -0.90 -8.03
C6 ADP D . 13.95 -0.66 -9.39
N6 ADP D . 13.70 0.65 -9.82
N1 ADP D . 13.79 -1.76 -10.21
C2 ADP D . 14.08 -3.01 -9.88
N3 ADP D . 14.48 -3.30 -8.64
C4 ADP D . 14.60 -2.31 -7.69
C1 GOL E . 5.76 6.37 9.59
O1 GOL E . 4.92 5.99 10.68
C2 GOL E . 6.84 5.30 9.40
O2 GOL E . 7.84 5.78 10.21
C3 GOL E . 7.46 5.32 8.04
O3 GOL E . 8.14 4.09 7.78
MG MG F . -16.57 3.58 -9.81
PB ADP G . -17.88 5.42 -7.54
O1B ADP G . -17.73 6.80 -6.89
O2B ADP G . -19.22 4.76 -7.45
O3B ADP G . -17.22 5.34 -8.89
PA ADP G . -15.56 3.84 -6.72
O1A ADP G . -15.44 3.29 -8.13
O2A ADP G . -15.26 3.00 -5.48
O3A ADP G . -17.02 4.49 -6.51
O5' ADP G . -14.56 5.06 -6.75
C5' ADP G . -14.56 5.86 -5.53
C4' ADP G . -14.13 7.30 -5.75
O4' ADP G . -12.73 7.35 -5.94
C3' ADP G . -14.66 8.03 -7.01
O3' ADP G . -15.92 8.61 -6.72
C2' ADP G . -13.64 9.08 -7.28
O2' ADP G . -13.79 10.15 -6.29
C1' ADP G . -12.34 8.39 -6.82
N9 ADP G . -11.65 7.82 -7.96
C8 ADP G . -11.71 6.51 -8.36
N7 ADP G . -10.89 6.32 -9.43
C5 ADP G . -10.40 7.54 -9.78
C6 ADP G . -9.56 8.06 -10.84
N6 ADP G . -9.02 7.26 -11.80
N1 ADP G . -9.26 9.39 -10.82
C2 ADP G . -9.77 10.21 -9.89
N3 ADP G . -10.57 9.82 -8.92
C4 ADP G . -10.92 8.51 -8.81
C1 GOL H . -7.75 -9.75 1.82
O1 GOL H . -6.66 -9.73 2.73
C2 GOL H . -8.66 -8.55 2.07
O2 GOL H . -9.98 -8.98 1.87
C3 GOL H . -8.38 -7.48 1.03
O3 GOL H . -9.20 -6.32 1.14
#